data_6T8P
#
_entry.id   6T8P
#
_cell.length_a   87.057
_cell.length_b   96.936
_cell.length_c   116.260
_cell.angle_alpha   90.000
_cell.angle_beta   90.000
_cell.angle_gamma   90.000
#
_symmetry.space_group_name_H-M   'P 21 21 21'
#
loop_
_entity.id
_entity.type
_entity.pdbx_description
1 polymer 'Kynurenine/alpha-aminoadipate aminotransferase, mitochondrial'
2 non-polymer 3,5-bis(fluoranyl)-~{N}-[5-[(2~{R})-2-(3-fluorophenyl)-3-methyl-butyl]-1,3,4-thiadiazol-2-yl]benzenesulfonamide
3 non-polymer 'IODIDE ION'
4 non-polymer 1,2-ETHANEDIOL
5 water water
#
_entity_poly.entity_id   1
_entity_poly.type   'polypeptide(L)'
_entity_poly.pdbx_seq_one_letter_code
;MSYYHHHHHHDYDIPTTENLYFQGAMEMNYARFITAASAARNPSPIRTMTDILSRGPKSMISLAGGLPNPNMFPFKTAVI
TVENGKTIQFGEEMMKRALQYSPSAGIPELLSWLKQLQIKLHNPPTIHYPPSQGQMDLCVTSGSQQGLCKVFEMIINPGD
NVLLDEPAYSGTLQSLHPLGCNIINVASDESGIVPDSLRDILSRWKPEDAKNPQKNTPKFLYTVPNGNNPTGNSLTSERK
KEIYELARKYDFLIIEDDPYYFLQFNKFRVPTFLSMDVDGRVIRADSFS(LLP)IISSGLRIGFLTGPKPLIERVILHIQ
VSTLHPSTFNQLMISQLLHEWGEEGFMAHVDRVIDFYSNQKDAILAAADKWLTGLAEWHVPAAGMFLWIKVKGINDVKEL
IEEKAVKMGVLMLPGNAFYVDSSAPSPYLRASFSSASPEQMDVAFQVLAQLIKESL
;
_entity_poly.pdbx_strand_id   A,B
#
# COMPACT_ATOMS: atom_id res chain seq x y z
N GLY A 24 8.61 -16.56 33.38
CA GLY A 24 7.64 -16.94 32.30
C GLY A 24 6.94 -15.77 31.63
N ALA A 25 6.06 -16.10 30.69
CA ALA A 25 5.39 -15.09 29.84
C ALA A 25 4.35 -14.25 30.59
N MET A 26 4.44 -12.93 30.43
CA MET A 26 3.46 -11.98 30.98
C MET A 26 2.24 -11.90 30.08
N GLU A 27 1.07 -11.70 30.69
CA GLU A 27 -0.17 -11.52 29.96
C GLU A 27 -0.16 -10.12 29.31
N MET A 28 -0.44 -10.10 28.01
CA MET A 28 -0.49 -8.87 27.23
C MET A 28 -1.93 -8.38 27.12
N ASN A 29 -2.12 -7.07 27.27
CA ASN A 29 -3.37 -6.41 26.90
C ASN A 29 -3.18 -5.75 25.53
N TYR A 30 -3.40 -6.51 24.46
CA TYR A 30 -3.25 -5.99 23.09
C TYR A 30 -4.18 -4.84 22.74
N ALA A 31 -5.39 -4.85 23.32
CA ALA A 31 -6.35 -3.74 23.21
C ALA A 31 -5.74 -2.36 23.47
N ARG A 32 -4.84 -2.31 24.44
CA ARG A 32 -4.05 -1.11 24.75
C ARG A 32 -3.26 -0.49 23.59
N PHE A 33 -2.82 -1.32 22.66
CA PHE A 33 -2.00 -0.91 21.53
C PHE A 33 -2.77 -0.85 20.20
N ILE A 34 -4.11 -0.74 20.25
CA ILE A 34 -4.96 -0.76 19.07
C ILE A 34 -5.91 0.43 19.22
N THR A 35 -5.87 1.38 18.29
CA THR A 35 -6.81 2.52 18.31
C THR A 35 -8.26 2.06 18.12
N ALA A 36 -9.18 2.94 18.46
CA ALA A 36 -10.62 2.77 18.15
C ALA A 36 -10.84 2.44 16.66
N ALA A 37 -10.20 3.21 15.79
CA ALA A 37 -10.32 3.00 14.35
C ALA A 37 -9.79 1.63 13.93
N SER A 38 -8.60 1.29 14.38
CA SER A 38 -8.02 -0.02 14.04
C SER A 38 -8.87 -1.21 14.57
N ALA A 39 -9.38 -1.07 15.80
CA ALA A 39 -10.23 -2.09 16.39
C ALA A 39 -11.57 -2.24 15.67
N ALA A 40 -12.08 -1.15 15.08
CA ALA A 40 -13.33 -1.21 14.29
C ALA A 40 -13.19 -1.94 12.96
N ARG A 41 -11.96 -2.18 12.48
CA ARG A 41 -11.78 -2.87 11.20
C ARG A 41 -12.36 -4.29 11.29
N ASN A 42 -13.11 -4.70 10.27
CA ASN A 42 -13.71 -6.04 10.23
C ASN A 42 -13.19 -6.74 9.01
N PRO A 43 -13.21 -8.10 9.00
CA PRO A 43 -12.88 -8.82 7.78
C PRO A 43 -13.97 -8.68 6.73
N SER A 44 -13.63 -9.02 5.47
CA SER A 44 -14.60 -9.02 4.36
C SER A 44 -15.71 -10.06 4.58
N PRO A 45 -16.99 -9.69 4.35
CA PRO A 45 -18.05 -10.72 4.25
C PRO A 45 -17.92 -11.73 3.07
N ILE A 46 -17.10 -11.40 2.05
CA ILE A 46 -16.75 -12.32 0.96
C ILE A 46 -15.76 -13.44 1.41
N ARG A 47 -15.13 -13.29 2.59
CA ARG A 47 -14.38 -14.39 3.28
C ARG A 47 -15.14 -15.73 3.48
N THR A 48 -16.47 -15.67 3.62
CA THR A 48 -17.35 -16.88 3.67
C THR A 48 -17.27 -17.75 2.37
N MET A 49 -16.86 -17.13 1.25
CA MET A 49 -16.48 -17.76 -0.04
C MET A 49 -17.73 -17.98 -0.86
N MET A 60 -17.89 -27.94 -9.21
CA MET A 60 -18.41 -26.73 -8.58
C MET A 60 -18.34 -25.49 -9.50
N ILE A 61 -19.51 -25.06 -10.02
CA ILE A 61 -19.64 -23.90 -10.90
C ILE A 61 -19.89 -22.64 -10.05
N SER A 62 -18.86 -21.81 -9.89
CA SER A 62 -18.96 -20.59 -9.11
C SER A 62 -19.04 -19.35 -9.99
N LEU A 63 -20.17 -18.64 -9.91
CA LEU A 63 -20.30 -17.26 -10.37
C LEU A 63 -20.20 -16.25 -9.23
N ALA A 64 -19.70 -16.67 -8.05
CA ALA A 64 -19.65 -15.81 -6.86
C ALA A 64 -18.47 -14.81 -6.84
N GLY A 65 -17.35 -15.17 -7.45
CA GLY A 65 -16.14 -14.36 -7.39
C GLY A 65 -16.18 -13.09 -8.25
N GLY A 66 -15.45 -12.09 -7.82
CA GLY A 66 -15.32 -10.83 -8.56
C GLY A 66 -13.97 -10.63 -9.22
N LEU A 67 -13.28 -11.73 -9.55
CA LEU A 67 -11.97 -11.63 -10.18
C LEU A 67 -12.18 -11.32 -11.65
N PRO A 68 -11.40 -10.36 -12.22
CA PRO A 68 -11.36 -10.25 -13.69
C PRO A 68 -10.78 -11.46 -14.35
N ASN A 69 -11.15 -11.65 -15.60
CA ASN A 69 -10.65 -12.76 -16.39
C ASN A 69 -9.18 -12.48 -16.83
N PRO A 70 -8.20 -13.29 -16.33
CA PRO A 70 -6.78 -13.00 -16.63
C PRO A 70 -6.32 -13.30 -18.05
N ASN A 71 -7.10 -14.04 -18.82
CA ASN A 71 -6.86 -14.24 -20.27
C ASN A 71 -6.92 -12.97 -21.12
N MET A 72 -7.53 -11.92 -20.56
CA MET A 72 -7.60 -10.60 -21.15
C MET A 72 -6.35 -9.76 -20.94
N PHE A 73 -5.45 -10.19 -20.07
CA PHE A 73 -4.25 -9.44 -19.75
C PHE A 73 -3.17 -9.66 -20.82
N PRO A 74 -2.45 -8.60 -21.23
CA PRO A 74 -1.60 -8.71 -22.41
C PRO A 74 -0.29 -9.45 -22.20
N PHE A 75 0.20 -9.53 -20.97
CA PHE A 75 1.48 -10.24 -20.65
C PHE A 75 1.16 -11.73 -20.52
N LYS A 76 1.95 -12.57 -21.20
CA LYS A 76 1.58 -13.96 -21.41
C LYS A 76 2.54 -14.96 -20.77
N THR A 77 3.85 -14.75 -20.92
CA THR A 77 4.89 -15.54 -20.24
C THR A 77 6.09 -14.65 -19.91
N ALA A 78 6.98 -15.14 -19.05
CA ALA A 78 8.21 -14.42 -18.71
C ALA A 78 9.36 -15.35 -18.48
N VAL A 79 10.55 -14.85 -18.81
CA VAL A 79 11.82 -15.51 -18.56
C VAL A 79 12.65 -14.43 -17.87
N ILE A 80 13.17 -14.71 -16.68
CA ILE A 80 13.94 -13.76 -15.90
C ILE A 80 15.27 -14.43 -15.57
N THR A 81 16.40 -13.83 -16.03
CA THR A 81 17.71 -14.38 -15.71
C THR A 81 18.08 -14.01 -14.29
N VAL A 82 18.79 -14.95 -13.66
CA VAL A 82 19.19 -14.89 -12.26
C VAL A 82 20.71 -15.04 -12.24
N GLU A 83 21.33 -14.39 -11.26
CA GLU A 83 22.79 -14.48 -11.05
C GLU A 83 23.30 -15.93 -10.93
N ASN A 84 24.57 -16.12 -11.32
CA ASN A 84 25.22 -17.44 -11.38
C ASN A 84 24.49 -18.44 -12.34
N GLY A 85 24.03 -17.94 -13.49
CA GLY A 85 23.61 -18.77 -14.63
C GLY A 85 22.17 -19.24 -14.73
N LYS A 86 21.37 -19.00 -13.69
CA LYS A 86 20.03 -19.57 -13.56
C LYS A 86 18.95 -18.74 -14.31
N THR A 87 17.74 -19.30 -14.37
CA THR A 87 16.58 -18.69 -14.99
C THR A 87 15.36 -18.98 -14.09
N ILE A 88 14.43 -18.03 -14.05
CA ILE A 88 13.11 -18.16 -13.46
C ILE A 88 12.11 -18.00 -14.61
N GLN A 89 11.18 -18.96 -14.72
CA GLN A 89 10.19 -18.97 -15.83
C GLN A 89 8.76 -18.90 -15.31
N PHE A 90 7.98 -17.97 -15.84
CA PHE A 90 6.54 -17.98 -15.65
C PHE A 90 5.95 -18.46 -16.97
N GLY A 91 5.49 -19.72 -17.01
CA GLY A 91 4.69 -20.23 -18.13
C GLY A 91 3.30 -19.60 -18.17
N GLU A 92 2.43 -20.12 -19.04
CA GLU A 92 1.12 -19.49 -19.30
C GLU A 92 0.25 -19.43 -18.03
N GLU A 93 0.11 -20.57 -17.37
CA GLU A 93 -0.72 -20.65 -16.14
C GLU A 93 -0.15 -19.87 -14.98
N MET A 94 1.15 -19.99 -14.77
CA MET A 94 1.85 -19.25 -13.71
C MET A 94 1.78 -17.73 -13.93
N MET A 95 1.90 -17.30 -15.20
CA MET A 95 1.74 -15.90 -15.55
C MET A 95 0.33 -15.40 -15.22
N LYS A 96 -0.71 -16.15 -15.56
CA LYS A 96 -2.09 -15.74 -15.18
C LYS A 96 -2.26 -15.58 -13.67
N ARG A 97 -1.61 -16.45 -12.89
CA ARG A 97 -1.60 -16.31 -11.44
C ARG A 97 -0.88 -15.03 -11.01
N ALA A 98 0.30 -14.81 -11.60
CA ALA A 98 1.14 -13.64 -11.31
C ALA A 98 0.43 -12.32 -11.58
N LEU A 99 -0.38 -12.30 -12.63
CA LEU A 99 -1.14 -11.11 -13.01
C LEU A 99 -2.50 -10.96 -12.34
N GLN A 100 -2.84 -11.81 -11.36
CA GLN A 100 -4.18 -11.88 -10.76
C GLN A 100 -4.07 -11.53 -9.29
N TYR A 101 -5.19 -11.10 -8.72
CA TYR A 101 -5.29 -10.93 -7.25
C TYR A 101 -4.87 -12.20 -6.49
N SER A 102 -4.44 -11.98 -5.26
CA SER A 102 -3.84 -13.01 -4.41
C SER A 102 -4.07 -12.66 -2.94
N PRO A 103 -3.73 -13.58 -1.99
CA PRO A 103 -4.18 -13.30 -0.61
C PRO A 103 -3.47 -12.13 0.05
N SER A 104 -4.17 -11.48 0.95
N SER A 104 -4.18 -11.46 0.95
CA SER A 104 -3.75 -10.21 1.51
CA SER A 104 -3.73 -10.18 1.50
C SER A 104 -2.47 -10.26 2.32
C SER A 104 -2.46 -10.25 2.32
N ALA A 105 -2.28 -11.34 3.07
CA ALA A 105 -1.03 -11.59 3.82
C ALA A 105 0.17 -12.05 2.97
N GLY A 106 -0.08 -12.41 1.69
CA GLY A 106 0.94 -12.81 0.73
C GLY A 106 0.62 -14.19 0.20
N ILE A 107 1.36 -14.62 -0.83
CA ILE A 107 1.14 -15.91 -1.46
C ILE A 107 1.64 -17.03 -0.50
N PRO A 108 0.94 -18.17 -0.45
CA PRO A 108 1.29 -19.18 0.57
C PRO A 108 2.75 -19.72 0.53
N GLU A 109 3.31 -19.86 -0.67
CA GLU A 109 4.67 -20.40 -0.87
C GLU A 109 5.73 -19.46 -0.26
N LEU A 110 5.50 -18.16 -0.40
CA LEU A 110 6.39 -17.17 0.16
C LEU A 110 6.18 -17.02 1.66
N LEU A 111 4.92 -16.99 2.09
CA LEU A 111 4.59 -16.95 3.51
C LEU A 111 5.21 -18.09 4.29
N SER A 112 5.11 -19.31 3.75
CA SER A 112 5.67 -20.49 4.43
C SER A 112 7.21 -20.45 4.45
N TRP A 113 7.84 -19.98 3.35
CA TRP A 113 9.31 -19.89 3.27
C TRP A 113 9.80 -18.89 4.31
N LEU A 114 9.14 -17.75 4.37
CA LEU A 114 9.48 -16.70 5.31
C LEU A 114 9.22 -17.06 6.75
N LYS A 115 8.10 -17.72 7.01
CA LYS A 115 7.81 -18.26 8.34
C LYS A 115 8.95 -19.17 8.84
N GLN A 116 9.36 -20.11 7.98
CA GLN A 116 10.41 -21.05 8.32
C GLN A 116 11.76 -20.34 8.47
N LEU A 117 12.02 -19.32 7.64
CA LEU A 117 13.15 -18.42 7.85
C LEU A 117 13.16 -17.75 9.24
N GLN A 118 12.02 -17.19 9.67
CA GLN A 118 11.94 -16.53 10.98
C GLN A 118 12.07 -17.49 12.16
N ILE A 119 11.50 -18.69 12.03
CA ILE A 119 11.61 -19.75 13.04
C ILE A 119 13.07 -20.16 13.18
N LYS A 120 13.76 -20.36 12.06
CA LYS A 120 15.12 -20.82 12.08
C LYS A 120 16.05 -19.76 12.63
N LEU A 121 15.95 -18.52 12.15
CA LEU A 121 16.84 -17.46 12.60
C LEU A 121 16.60 -16.99 14.02
N HIS A 122 15.34 -16.86 14.40
CA HIS A 122 14.97 -16.19 15.64
C HIS A 122 14.32 -17.10 16.68
N ASN A 123 13.87 -18.31 16.35
CA ASN A 123 13.17 -19.22 17.28
C ASN A 123 12.19 -18.44 18.16
N PRO A 124 11.22 -17.71 17.55
CA PRO A 124 10.43 -16.81 18.38
C PRO A 124 9.74 -17.59 19.53
N PRO A 125 9.90 -17.14 20.79
CA PRO A 125 9.25 -17.88 21.87
C PRO A 125 7.73 -18.05 21.74
N THR A 126 7.07 -17.20 20.94
CA THR A 126 5.62 -17.21 20.75
C THR A 126 5.06 -18.13 19.65
N ILE A 127 5.91 -18.94 19.01
N ILE A 127 5.89 -18.95 19.01
CA ILE A 127 5.53 -19.78 17.86
CA ILE A 127 5.44 -19.70 17.81
C ILE A 127 4.26 -20.61 18.09
C ILE A 127 4.27 -20.66 18.06
N HIS A 128 4.20 -21.25 19.26
CA HIS A 128 3.08 -22.16 19.65
C HIS A 128 2.13 -21.57 20.71
N TYR A 129 2.13 -20.25 20.92
CA TYR A 129 1.19 -19.63 21.87
C TYR A 129 -0.21 -19.64 21.28
N PRO A 130 -1.27 -19.60 22.11
CA PRO A 130 -2.61 -19.37 21.52
C PRO A 130 -2.68 -18.01 20.77
N PRO A 131 -3.45 -17.93 19.65
CA PRO A 131 -3.64 -16.68 18.91
C PRO A 131 -3.87 -15.43 19.77
N SER A 132 -4.81 -15.49 20.71
CA SER A 132 -5.08 -14.38 21.62
C SER A 132 -3.94 -13.97 22.59
N GLN A 133 -3.03 -14.90 22.89
N GLN A 133 -3.03 -14.91 22.89
CA GLN A 133 -1.82 -14.62 23.69
CA GLN A 133 -1.82 -14.63 23.68
C GLN A 133 -0.59 -14.17 22.88
C GLN A 133 -0.60 -14.16 22.87
N GLY A 134 -0.77 -13.90 21.58
CA GLY A 134 0.26 -13.32 20.74
C GLY A 134 1.07 -14.31 19.96
N GLN A 135 0.44 -15.36 19.47
CA GLN A 135 1.10 -16.33 18.60
C GLN A 135 1.81 -15.59 17.47
N MET A 136 3.03 -16.03 17.16
CA MET A 136 3.81 -15.46 16.05
C MET A 136 3.01 -15.57 14.76
N ASP A 137 2.86 -14.43 14.09
CA ASP A 137 2.20 -14.32 12.79
C ASP A 137 3.14 -13.54 11.87
N LEU A 138 2.98 -13.71 10.57
CA LEU A 138 3.83 -13.09 9.56
C LEU A 138 2.91 -12.60 8.44
N CYS A 139 3.20 -11.41 7.91
N CYS A 139 3.16 -11.43 7.90
CA CYS A 139 2.51 -10.84 6.74
CA CYS A 139 2.52 -11.02 6.66
C CYS A 139 3.58 -10.35 5.79
C CYS A 139 3.54 -10.34 5.78
N VAL A 140 3.41 -10.63 4.48
CA VAL A 140 4.24 -10.04 3.45
C VAL A 140 3.64 -8.65 3.23
N THR A 141 4.49 -7.64 3.15
CA THR A 141 4.07 -6.25 2.98
C THR A 141 4.70 -5.64 1.75
N SER A 142 4.13 -4.53 1.29
CA SER A 142 4.56 -3.83 0.06
C SER A 142 5.73 -2.94 0.43
N GLY A 143 6.85 -3.60 0.71
CA GLY A 143 7.98 -3.05 1.45
C GLY A 143 7.75 -3.12 2.95
N SER A 144 8.85 -3.17 3.71
CA SER A 144 8.82 -3.17 5.16
C SER A 144 8.21 -1.92 5.74
N GLN A 145 8.45 -0.75 5.13
CA GLN A 145 7.87 0.49 5.62
C GLN A 145 6.33 0.49 5.65
N GLN A 146 5.68 -0.24 4.73
CA GLN A 146 4.22 -0.35 4.73
C GLN A 146 3.75 -0.97 6.05
N GLY A 147 4.35 -2.09 6.42
CA GLY A 147 4.12 -2.75 7.71
C GLY A 147 4.31 -1.81 8.89
N LEU A 148 5.42 -1.09 8.90
CA LEU A 148 5.69 -0.15 10.00
C LEU A 148 4.71 1.01 10.14
N CYS A 149 4.42 1.65 9.01
CA CYS A 149 3.39 2.68 8.96
C CYS A 149 2.06 2.21 9.54
N LYS A 150 1.62 1.04 9.12
CA LYS A 150 0.33 0.46 9.58
C LYS A 150 0.36 0.16 11.06
N VAL A 151 1.51 -0.33 11.54
CA VAL A 151 1.73 -0.54 12.99
C VAL A 151 1.61 0.78 13.79
N PHE A 152 2.35 1.79 13.34
CA PHE A 152 2.27 3.14 13.92
C PHE A 152 0.83 3.70 13.94
N GLU A 153 0.14 3.55 12.81
CA GLU A 153 -1.26 3.94 12.68
C GLU A 153 -2.15 3.14 13.61
N MET A 154 -1.89 1.84 13.74
CA MET A 154 -2.67 0.98 14.65
C MET A 154 -2.56 1.42 16.11
N ILE A 155 -1.39 1.93 16.49
CA ILE A 155 -1.08 2.17 17.88
C ILE A 155 -1.40 3.58 18.32
N ILE A 156 -0.99 4.59 17.56
CA ILE A 156 -0.82 5.94 18.11
C ILE A 156 -2.11 6.77 18.10
N ASN A 157 -2.55 7.18 19.28
CA ASN A 157 -3.47 8.31 19.42
C ASN A 157 -2.67 9.58 19.62
N PRO A 158 -3.21 10.74 19.18
CA PRO A 158 -2.53 12.03 19.45
C PRO A 158 -2.19 12.22 20.93
N GLY A 159 -0.97 12.69 21.19
CA GLY A 159 -0.47 12.86 22.54
C GLY A 159 0.18 11.64 23.20
N ASP A 160 0.12 10.46 22.60
CA ASP A 160 0.84 9.30 23.14
C ASP A 160 2.35 9.52 23.09
N ASN A 161 3.03 8.91 24.05
CA ASN A 161 4.46 8.96 24.19
C ASN A 161 5.05 7.76 23.47
N VAL A 162 6.09 7.99 22.68
CA VAL A 162 6.85 6.92 22.02
C VAL A 162 8.32 7.15 22.33
N LEU A 163 9.08 6.04 22.38
CA LEU A 163 10.51 6.07 22.61
C LEU A 163 11.25 5.72 21.32
N LEU A 164 12.30 6.48 21.01
CA LEU A 164 13.27 6.12 19.97
C LEU A 164 14.58 6.87 20.19
N ASP A 165 15.62 6.44 19.47
CA ASP A 165 16.95 7.03 19.53
C ASP A 165 17.12 7.94 18.32
N GLU A 166 17.37 9.22 18.57
CA GLU A 166 17.79 10.16 17.53
C GLU A 166 19.33 10.17 17.49
N PRO A 167 19.97 10.33 16.32
CA PRO A 167 19.33 10.48 15.02
C PRO A 167 18.66 9.21 14.52
N ALA A 168 17.55 9.41 13.82
CA ALA A 168 16.70 8.29 13.38
C ALA A 168 16.40 8.41 11.89
N TYR A 169 15.87 7.32 11.36
CA TYR A 169 15.49 7.25 9.96
C TYR A 169 14.48 8.33 9.64
N SER A 170 14.80 9.17 8.65
CA SER A 170 13.94 10.29 8.28
C SER A 170 12.49 9.88 7.99
N GLY A 171 12.32 8.76 7.29
CA GLY A 171 11.01 8.22 6.95
C GLY A 171 10.15 7.88 8.17
N THR A 172 10.78 7.40 9.24
CA THR A 172 10.08 7.09 10.49
C THR A 172 9.63 8.38 11.15
N LEU A 173 10.51 9.37 11.20
CA LEU A 173 10.13 10.68 11.76
C LEU A 173 8.98 11.34 10.99
N GLN A 174 9.04 11.26 9.66
CA GLN A 174 8.00 11.78 8.76
C GLN A 174 6.65 11.05 8.94
N SER A 175 6.72 9.73 9.16
CA SER A 175 5.56 8.92 9.49
C SER A 175 4.93 9.27 10.86
N LEU A 176 5.77 9.52 11.86
CA LEU A 176 5.29 9.76 13.24
C LEU A 176 4.72 11.15 13.46
N HIS A 177 5.30 12.15 12.79
CA HIS A 177 4.88 13.55 12.95
C HIS A 177 3.36 13.79 12.84
N PRO A 178 2.70 13.33 11.73
CA PRO A 178 1.28 13.54 11.57
C PRO A 178 0.37 12.77 12.54
N LEU A 179 0.89 11.74 13.21
CA LEU A 179 0.13 11.00 14.23
C LEU A 179 0.07 11.73 15.57
N GLY A 180 0.90 12.77 15.73
CA GLY A 180 0.83 13.67 16.89
C GLY A 180 1.37 13.05 18.16
N CYS A 181 2.21 12.00 18.06
CA CYS A 181 2.85 11.45 19.26
C CYS A 181 3.96 12.38 19.76
N ASN A 182 4.26 12.27 21.03
CA ASN A 182 5.43 12.93 21.61
C ASN A 182 6.55 11.95 21.54
N ILE A 183 7.61 12.31 20.81
CA ILE A 183 8.78 11.45 20.69
C ILE A 183 9.72 11.78 21.85
N ILE A 184 9.94 10.78 22.72
CA ILE A 184 10.97 10.88 23.75
C ILE A 184 12.28 10.26 23.21
N ASN A 185 13.30 11.10 23.11
CA ASN A 185 14.63 10.69 22.67
C ASN A 185 15.38 9.87 23.75
N VAL A 186 15.74 8.63 23.41
CA VAL A 186 16.58 7.77 24.27
C VAL A 186 18.00 7.97 23.83
N ALA A 187 18.92 8.17 24.78
CA ALA A 187 20.33 8.39 24.44
C ALA A 187 20.91 7.13 23.80
N SER A 188 21.87 7.35 22.92
CA SER A 188 22.54 6.27 22.16
C SER A 188 24.04 6.59 21.97
N ASP A 189 24.78 5.58 21.56
CA ASP A 189 26.23 5.72 21.30
C ASP A 189 26.60 4.70 20.22
N GLU A 190 27.89 4.39 20.07
CA GLU A 190 28.36 3.41 19.07
C GLU A 190 27.80 1.99 19.17
N SER A 191 27.27 1.63 20.34
CA SER A 191 26.52 0.37 20.52
C SER A 191 25.00 0.56 20.55
N GLY A 192 24.50 1.63 19.92
CA GLY A 192 23.06 1.89 19.80
C GLY A 192 22.49 2.49 21.07
N ILE A 193 21.19 2.30 21.29
CA ILE A 193 20.46 2.71 22.54
C ILE A 193 21.23 2.34 23.80
N VAL A 194 21.35 3.29 24.73
CA VAL A 194 22.04 3.09 26.01
C VAL A 194 20.92 2.70 26.99
N PRO A 195 20.91 1.43 27.49
CA PRO A 195 19.82 1.03 28.38
C PRO A 195 19.65 1.86 29.64
N ASP A 196 20.72 2.47 30.13
CA ASP A 196 20.63 3.29 31.32
C ASP A 196 19.88 4.61 31.10
N SER A 197 19.94 5.16 29.89
CA SER A 197 19.13 6.32 29.53
C SER A 197 17.65 5.95 29.56
N LEU A 198 17.32 4.83 28.93
CA LEU A 198 15.97 4.26 28.91
C LEU A 198 15.46 3.97 30.31
N ARG A 199 16.32 3.37 31.13
CA ARG A 199 16.03 3.12 32.54
C ARG A 199 15.71 4.42 33.26
N ASP A 200 16.53 5.45 33.01
CA ASP A 200 16.36 6.75 33.68
C ASP A 200 15.11 7.45 33.23
N ILE A 201 14.87 7.46 31.91
CA ILE A 201 13.64 8.01 31.29
C ILE A 201 12.37 7.36 31.87
N LEU A 202 12.36 6.03 31.90
CA LEU A 202 11.21 5.27 32.41
C LEU A 202 10.96 5.40 33.91
N SER A 203 11.99 5.74 34.69
CA SER A 203 11.85 5.88 36.16
C SER A 203 10.92 7.03 36.60
N ARG A 204 10.73 8.00 35.72
CA ARG A 204 9.67 9.03 35.76
C ARG A 204 8.28 8.48 36.13
N TRP A 205 7.93 7.33 35.56
CA TRP A 205 6.71 6.59 35.87
C TRP A 205 7.00 5.49 36.89
N LYS A 206 5.95 5.09 37.61
CA LYS A 206 5.92 3.80 38.32
C LYS A 206 5.48 2.78 37.26
N PRO A 207 5.89 1.51 37.36
CA PRO A 207 5.47 0.51 36.34
C PRO A 207 3.94 0.23 36.23
N GLU A 208 3.24 0.36 37.36
CA GLU A 208 1.76 0.38 37.46
C GLU A 208 1.11 1.46 36.62
N ASP A 209 1.80 2.59 36.40
CA ASP A 209 1.31 3.66 35.52
C ASP A 209 0.99 3.19 34.10
N ALA A 210 1.55 2.05 33.69
CA ALA A 210 1.21 1.43 32.40
C ALA A 210 -0.28 1.06 32.20
N LYS A 211 -1.00 0.83 33.30
CA LYS A 211 -2.44 0.56 33.30
C LYS A 211 -3.29 1.83 33.50
N ASN A 212 -2.68 3.01 33.60
CA ASN A 212 -3.35 4.30 33.78
C ASN A 212 -3.13 5.16 32.51
N PRO A 213 -4.13 5.21 31.58
CA PRO A 213 -4.02 6.05 30.38
C PRO A 213 -3.70 7.52 30.62
N GLN A 214 -4.10 8.11 31.74
CA GLN A 214 -3.75 9.51 32.06
C GLN A 214 -2.26 9.72 32.29
N LYS A 215 -1.54 8.68 32.74
CA LYS A 215 -0.09 8.81 32.94
C LYS A 215 0.70 8.83 31.62
N ASN A 216 0.14 8.20 30.59
CA ASN A 216 0.66 8.29 29.23
C ASN A 216 2.08 7.69 29.15
N THR A 217 2.20 6.47 29.70
CA THR A 217 3.45 5.71 29.66
C THR A 217 3.70 5.34 28.19
N PRO A 218 4.97 5.25 27.75
CA PRO A 218 5.20 5.03 26.31
C PRO A 218 4.52 3.77 25.79
N LYS A 219 3.94 3.86 24.59
CA LYS A 219 3.28 2.72 23.98
C LYS A 219 4.29 1.77 23.32
N PHE A 220 5.38 2.34 22.77
CA PHE A 220 6.45 1.55 22.20
C PHE A 220 7.80 2.21 22.26
N LEU A 221 8.82 1.36 22.05
CA LEU A 221 10.18 1.77 21.72
C LEU A 221 10.40 1.31 20.29
N TYR A 222 10.90 2.22 19.46
CA TYR A 222 11.26 1.94 18.07
C TYR A 222 12.77 2.06 18.05
N THR A 223 13.42 1.09 17.40
CA THR A 223 14.81 1.26 17.03
C THR A 223 15.14 0.46 15.77
N VAL A 224 16.25 0.83 15.15
CA VAL A 224 16.89 0.10 14.08
C VAL A 224 18.14 -0.48 14.73
N PRO A 225 18.09 -1.76 15.12
CA PRO A 225 19.17 -2.36 15.94
C PRO A 225 20.50 -2.68 15.22
N ASN A 226 20.48 -2.86 13.91
CA ASN A 226 21.69 -3.08 13.12
C ASN A 226 21.84 -1.98 12.09
N GLY A 227 22.99 -1.31 12.08
CA GLY A 227 23.33 -0.34 11.03
C GLY A 227 22.30 0.77 10.92
N ASN A 228 22.03 1.42 12.05
CA ASN A 228 21.06 2.48 12.09
C ASN A 228 21.27 3.50 10.98
N ASN A 229 20.19 3.84 10.27
CA ASN A 229 20.20 4.92 9.29
C ASN A 229 19.88 6.16 10.14
N PRO A 230 20.81 7.11 10.37
CA PRO A 230 22.02 7.38 9.61
C PRO A 230 23.39 7.00 10.22
N THR A 231 23.41 6.51 11.46
CA THR A 231 24.65 6.39 12.24
C THR A 231 25.58 5.24 11.85
N GLY A 232 25.02 4.17 11.30
CA GLY A 232 25.75 2.94 11.10
C GLY A 232 25.98 2.06 12.32
N ASN A 233 25.46 2.47 13.49
CA ASN A 233 25.75 1.79 14.74
C ASN A 233 24.71 0.70 14.97
N SER A 234 25.12 -0.33 15.71
CA SER A 234 24.31 -1.48 16.00
C SER A 234 24.32 -1.82 17.47
N LEU A 235 23.15 -2.28 17.96
CA LEU A 235 22.98 -2.71 19.33
C LEU A 235 23.75 -3.99 19.57
N THR A 236 24.17 -4.16 20.82
CA THR A 236 24.76 -5.40 21.29
C THR A 236 23.69 -6.30 21.87
N SER A 237 24.03 -7.57 21.95
CA SER A 237 23.18 -8.59 22.54
C SER A 237 22.74 -8.25 23.97
N GLU A 238 23.69 -7.83 24.80
CA GLU A 238 23.41 -7.56 26.22
C GLU A 238 22.50 -6.36 26.38
N ARG A 239 22.69 -5.33 25.56
CA ARG A 239 21.81 -4.17 25.59
C ARG A 239 20.39 -4.53 25.16
N LYS A 240 20.24 -5.39 24.15
CA LYS A 240 18.92 -5.84 23.72
C LYS A 240 18.17 -6.53 24.87
N LYS A 241 18.85 -7.40 25.62
CA LYS A 241 18.25 -8.05 26.80
C LYS A 241 17.84 -7.05 27.90
N GLU A 242 18.70 -6.07 28.18
CA GLU A 242 18.38 -4.99 29.14
C GLU A 242 17.14 -4.14 28.69
N ILE A 243 17.10 -3.79 27.40
CA ILE A 243 15.97 -3.08 26.81
C ILE A 243 14.67 -3.89 26.92
N TYR A 244 14.73 -5.17 26.56
CA TYR A 244 13.60 -6.06 26.67
C TYR A 244 13.03 -6.12 28.10
N GLU A 245 13.92 -6.28 29.06
CA GLU A 245 13.60 -6.26 30.49
C GLU A 245 12.80 -5.01 30.92
N LEU A 246 13.24 -3.85 30.44
CA LEU A 246 12.50 -2.60 30.69
C LEU A 246 11.17 -2.55 29.98
N ALA A 247 11.12 -3.06 28.74
CA ALA A 247 9.86 -3.16 27.97
C ALA A 247 8.80 -3.99 28.69
N ARG A 248 9.22 -5.09 29.31
CA ARG A 248 8.34 -5.91 30.14
C ARG A 248 7.88 -5.15 31.36
N LYS A 249 8.81 -4.48 32.05
CA LYS A 249 8.51 -3.83 33.34
C LYS A 249 7.50 -2.68 33.21
N TYR A 250 7.64 -1.88 32.17
CA TYR A 250 6.76 -0.73 31.89
C TYR A 250 5.77 -1.03 30.77
N ASP A 251 5.69 -2.30 30.35
CA ASP A 251 4.74 -2.83 29.39
C ASP A 251 4.58 -1.99 28.12
N PHE A 252 5.66 -1.86 27.37
CA PHE A 252 5.59 -1.27 26.03
C PHE A 252 5.94 -2.29 24.99
N LEU A 253 5.57 -2.00 23.74
CA LEU A 253 6.01 -2.83 22.61
C LEU A 253 7.40 -2.42 22.20
N ILE A 254 8.09 -3.32 21.52
CA ILE A 254 9.35 -3.00 20.87
C ILE A 254 9.11 -3.16 19.40
N ILE A 255 9.33 -2.08 18.64
CA ILE A 255 9.24 -2.11 17.19
C ILE A 255 10.68 -2.19 16.66
N GLU A 256 11.01 -3.37 16.16
CA GLU A 256 12.34 -3.72 15.69
C GLU A 256 12.38 -3.56 14.16
N ASP A 257 12.85 -2.41 13.71
CA ASP A 257 12.94 -2.10 12.28
C ASP A 257 14.33 -2.53 11.83
N ASP A 258 14.42 -3.64 11.11
CA ASP A 258 15.72 -4.31 10.94
C ASP A 258 16.08 -4.58 9.48
N PRO A 259 16.11 -3.51 8.63
CA PRO A 259 16.35 -3.73 7.19
C PRO A 259 17.82 -4.05 6.83
N TYR A 260 18.75 -3.79 7.76
CA TYR A 260 20.16 -4.15 7.62
C TYR A 260 20.60 -5.37 8.43
N TYR A 261 19.66 -6.14 8.97
CA TYR A 261 19.94 -7.45 9.60
C TYR A 261 20.85 -8.35 8.76
N PHE A 262 20.56 -8.43 7.47
CA PHE A 262 21.35 -9.22 6.51
C PHE A 262 22.61 -8.51 5.95
N LEU A 263 22.95 -7.33 6.45
CA LEU A 263 24.22 -6.65 6.15
C LEU A 263 25.06 -6.49 7.43
N GLN A 264 25.01 -7.47 8.34
CA GLN A 264 25.94 -7.48 9.50
C GLN A 264 27.35 -7.86 9.04
N PHE A 265 28.27 -6.90 9.08
CA PHE A 265 29.61 -7.05 8.44
C PHE A 265 30.47 -8.14 9.04
N ASN A 266 30.46 -8.25 10.37
CA ASN A 266 31.25 -9.31 11.04
C ASN A 266 30.73 -10.77 10.84
N LYS A 267 29.49 -10.94 10.36
CA LYS A 267 28.88 -12.26 10.08
C LYS A 267 28.64 -13.17 11.31
N PHE A 268 28.75 -12.61 12.52
CA PHE A 268 28.41 -13.30 13.76
C PHE A 268 27.12 -12.63 14.21
N ARG A 269 25.98 -13.21 13.87
CA ARG A 269 24.71 -12.51 14.05
C ARG A 269 24.33 -12.27 15.50
N VAL A 270 23.87 -11.04 15.75
CA VAL A 270 23.47 -10.64 17.09
C VAL A 270 22.03 -11.15 17.22
N PRO A 271 21.67 -11.77 18.36
CA PRO A 271 20.27 -12.11 18.64
C PRO A 271 19.32 -10.91 18.52
N THR A 272 18.15 -11.14 17.93
CA THR A 272 17.14 -10.08 17.72
C THR A 272 16.22 -9.92 18.93
N PHE A 273 15.55 -8.78 18.99
CA PHE A 273 14.48 -8.60 19.99
C PHE A 273 13.39 -9.70 19.87
N LEU A 274 13.05 -10.07 18.63
CA LEU A 274 12.11 -11.14 18.36
C LEU A 274 12.49 -12.46 19.02
N SER A 275 13.77 -12.81 18.94
CA SER A 275 14.29 -14.05 19.54
C SER A 275 14.24 -14.13 21.05
N MET A 276 14.16 -12.97 21.71
CA MET A 276 13.98 -12.93 23.15
C MET A 276 12.53 -12.62 23.56
N ASP A 277 11.59 -12.63 22.61
CA ASP A 277 10.25 -12.11 22.85
C ASP A 277 9.31 -13.11 23.50
N VAL A 278 9.56 -13.37 24.78
N VAL A 278 9.56 -13.38 24.79
CA VAL A 278 8.75 -14.29 25.55
CA VAL A 278 8.72 -14.30 25.55
C VAL A 278 7.32 -13.78 25.76
C VAL A 278 7.30 -13.77 25.75
N ASP A 279 7.11 -12.45 25.84
CA ASP A 279 5.76 -11.85 26.03
C ASP A 279 4.89 -11.68 24.78
N GLY A 280 5.46 -11.76 23.58
CA GLY A 280 4.77 -11.32 22.35
C GLY A 280 4.54 -9.81 22.37
N ARG A 281 5.58 -9.06 22.73
CA ARG A 281 5.58 -7.60 22.67
C ARG A 281 6.49 -7.01 21.57
N VAL A 282 7.07 -7.86 20.72
CA VAL A 282 7.93 -7.42 19.63
C VAL A 282 7.15 -7.49 18.31
N ILE A 283 7.22 -6.39 17.55
CA ILE A 283 6.85 -6.37 16.14
C ILE A 283 8.14 -6.11 15.41
N ARG A 284 8.46 -6.99 14.48
CA ARG A 284 9.71 -6.93 13.72
C ARG A 284 9.39 -6.64 12.28
N ALA A 285 10.17 -5.75 11.66
CA ALA A 285 10.12 -5.52 10.21
C ALA A 285 11.41 -6.01 9.58
N ASP A 286 11.26 -6.88 8.57
CA ASP A 286 12.37 -7.33 7.73
C ASP A 286 12.20 -6.80 6.32
N SER A 287 13.32 -6.46 5.70
CA SER A 287 13.37 -5.90 4.37
C SER A 287 14.21 -6.79 3.46
N PHE A 288 13.73 -6.96 2.24
CA PHE A 288 14.50 -7.46 1.12
C PHE A 288 15.11 -6.33 0.29
N SER A 289 14.99 -5.07 0.72
CA SER A 289 15.41 -3.93 -0.12
C SER A 289 16.89 -3.78 -0.36
N ILE A 291 19.04 -6.64 -0.18
CA ILE A 291 19.59 -7.96 -0.60
C ILE A 291 18.93 -8.58 -1.83
N ILE A 292 17.65 -8.32 -2.08
CA ILE A 292 16.95 -8.91 -3.24
C ILE A 292 16.41 -7.82 -4.18
N SER A 293 15.67 -6.84 -3.65
CA SER A 293 15.24 -5.67 -4.46
C SER A 293 14.50 -4.69 -3.63
N SER A 294 14.86 -3.43 -3.76
CA SER A 294 14.13 -2.33 -3.14
C SER A 294 12.87 -1.98 -3.96
N GLY A 295 13.04 -1.95 -5.28
CA GLY A 295 12.00 -1.63 -6.23
C GLY A 295 10.82 -2.57 -6.32
N LEU A 296 11.00 -3.86 -5.99
CA LEU A 296 9.87 -4.80 -6.02
C LEU A 296 8.82 -4.58 -4.92
N ARG A 297 9.14 -3.81 -3.87
CA ARG A 297 8.25 -3.55 -2.74
C ARG A 297 7.74 -4.86 -2.13
N ILE A 298 8.68 -5.70 -1.69
CA ILE A 298 8.38 -6.96 -0.94
C ILE A 298 9.21 -6.90 0.32
N GLY A 299 8.52 -6.79 1.46
CA GLY A 299 9.12 -6.96 2.78
C GLY A 299 8.21 -7.86 3.61
N PHE A 300 8.49 -7.93 4.90
CA PHE A 300 7.69 -8.73 5.80
C PHE A 300 7.71 -8.24 7.23
N LEU A 301 6.60 -8.57 7.89
CA LEU A 301 6.28 -8.10 9.20
C LEU A 301 6.04 -9.33 10.04
N THR A 302 6.68 -9.42 11.19
CA THR A 302 6.53 -10.56 12.11
C THR A 302 6.13 -10.00 13.45
N GLY A 303 5.09 -10.61 14.04
CA GLY A 303 4.59 -10.13 15.31
C GLY A 303 3.46 -10.94 15.90
N PRO A 304 2.91 -10.47 17.03
CA PRO A 304 1.83 -11.18 17.69
C PRO A 304 0.54 -11.10 16.90
N LYS A 305 -0.13 -12.23 16.78
CA LYS A 305 -1.29 -12.37 15.88
C LYS A 305 -2.38 -11.31 16.02
N PRO A 306 -2.74 -10.89 17.25
CA PRO A 306 -3.79 -9.85 17.34
C PRO A 306 -3.39 -8.53 16.71
N LEU A 307 -2.11 -8.17 16.77
CA LEU A 307 -1.62 -6.94 16.17
C LEU A 307 -1.42 -7.07 14.66
N ILE A 308 -0.89 -8.22 14.24
CA ILE A 308 -0.67 -8.51 12.82
C ILE A 308 -2.01 -8.59 12.07
N GLU A 309 -3.02 -9.19 12.68
CA GLU A 309 -4.37 -9.18 12.13
C GLU A 309 -4.91 -7.76 11.87
N ARG A 310 -4.66 -6.82 12.78
CA ARG A 310 -5.03 -5.41 12.55
C ARG A 310 -4.33 -4.79 11.31
N VAL A 311 -3.05 -5.14 11.13
CA VAL A 311 -2.28 -4.68 9.99
C VAL A 311 -2.82 -5.30 8.72
N ILE A 312 -3.08 -6.62 8.74
CA ILE A 312 -3.66 -7.31 7.57
C ILE A 312 -5.01 -6.71 7.16
N LEU A 313 -5.88 -6.42 8.11
CA LEU A 313 -7.19 -5.80 7.80
C LEU A 313 -7.08 -4.40 7.16
N HIS A 314 -6.09 -3.61 7.60
CA HIS A 314 -5.82 -2.30 6.98
C HIS A 314 -5.23 -2.47 5.56
N ILE A 315 -4.34 -3.43 5.41
CA ILE A 315 -3.87 -3.83 4.08
C ILE A 315 -5.02 -4.24 3.15
N GLN A 316 -5.94 -5.06 3.65
CA GLN A 316 -7.11 -5.46 2.87
C GLN A 316 -7.97 -4.33 2.28
N VAL A 317 -7.91 -3.12 2.84
CA VAL A 317 -8.66 -1.96 2.31
C VAL A 317 -7.75 -0.88 1.72
N SER A 318 -6.47 -1.20 1.48
CA SER A 318 -5.54 -0.25 0.88
C SER A 318 -4.89 -0.92 -0.34
N THR A 319 -3.71 -1.51 -0.17
CA THR A 319 -3.04 -2.17 -1.27
C THR A 319 -3.69 -3.49 -1.69
N LEU A 320 -4.49 -4.09 -0.80
CA LEU A 320 -5.09 -5.42 -0.96
C LEU A 320 -4.09 -6.53 -0.74
N HIS A 321 -3.00 -6.53 -1.48
CA HIS A 321 -1.91 -7.45 -1.27
C HIS A 321 -0.64 -6.91 -1.92
N PRO A 322 0.52 -7.51 -1.63
CA PRO A 322 1.72 -7.15 -2.39
C PRO A 322 1.63 -7.78 -3.78
N SER A 323 2.28 -7.19 -4.77
CA SER A 323 2.17 -7.67 -6.16
C SER A 323 2.37 -9.18 -6.24
N THR A 324 1.46 -9.89 -6.88
CA THR A 324 1.55 -11.36 -6.99
C THR A 324 2.78 -11.77 -7.83
N PHE A 325 2.99 -11.02 -8.92
CA PHE A 325 4.12 -11.19 -9.83
C PHE A 325 5.46 -11.11 -9.10
N ASN A 326 5.62 -10.07 -8.31
CA ASN A 326 6.84 -9.81 -7.58
C ASN A 326 7.07 -10.81 -6.48
N GLN A 327 6.01 -11.19 -5.79
CA GLN A 327 6.08 -12.29 -4.80
C GLN A 327 6.54 -13.60 -5.44
N LEU A 328 6.00 -13.91 -6.61
CA LEU A 328 6.33 -15.14 -7.31
C LEU A 328 7.76 -15.15 -7.81
N MET A 329 8.27 -13.99 -8.25
CA MET A 329 9.65 -13.85 -8.65
C MET A 329 10.56 -14.27 -7.50
N ILE A 330 10.28 -13.69 -6.33
CA ILE A 330 11.10 -13.89 -5.15
C ILE A 330 10.94 -15.32 -4.62
N SER A 331 9.68 -15.81 -4.54
CA SER A 331 9.43 -17.17 -4.09
C SER A 331 10.10 -18.22 -4.96
N GLN A 332 10.02 -18.06 -6.29
CA GLN A 332 10.70 -18.99 -7.21
C GLN A 332 12.21 -19.00 -7.01
N LEU A 333 12.78 -17.80 -6.86
CA LEU A 333 14.20 -17.64 -6.56
C LEU A 333 14.61 -18.34 -5.24
N LEU A 334 13.90 -18.05 -4.16
CA LEU A 334 14.20 -18.62 -2.84
C LEU A 334 14.08 -20.14 -2.84
N HIS A 335 13.13 -20.69 -3.62
CA HIS A 335 12.97 -22.12 -3.74
C HIS A 335 14.03 -22.78 -4.60
N GLU A 336 14.50 -22.13 -5.66
CA GLU A 336 15.60 -22.74 -6.45
C GLU A 336 16.92 -22.64 -5.67
N TRP A 337 17.11 -21.54 -4.96
CA TRP A 337 18.28 -21.35 -4.11
C TRP A 337 18.34 -22.25 -2.90
N GLY A 338 17.19 -22.45 -2.28
CA GLY A 338 17.12 -23.01 -0.94
C GLY A 338 17.71 -22.04 0.07
N GLU A 339 17.63 -22.43 1.33
CA GLU A 339 18.24 -21.60 2.36
C GLU A 339 19.75 -21.41 2.15
N GLU A 340 20.42 -22.42 1.62
CA GLU A 340 21.86 -22.34 1.35
C GLU A 340 22.23 -21.34 0.24
N GLY A 341 21.47 -21.35 -0.86
CA GLY A 341 21.62 -20.34 -1.94
C GLY A 341 21.38 -18.91 -1.46
N PHE A 342 20.34 -18.73 -0.65
CA PHE A 342 20.00 -17.43 -0.01
C PHE A 342 21.15 -16.94 0.85
N MET A 343 21.66 -17.79 1.71
CA MET A 343 22.76 -17.35 2.61
C MET A 343 24.06 -17.07 1.90
N ALA A 344 24.37 -17.87 0.88
CA ALA A 344 25.52 -17.61 -0.02
C ALA A 344 25.37 -16.27 -0.73
N HIS A 345 24.15 -15.96 -1.15
CA HIS A 345 23.85 -14.67 -1.75
C HIS A 345 24.06 -13.53 -0.76
N VAL A 346 23.46 -13.65 0.40
CA VAL A 346 23.63 -12.66 1.48
C VAL A 346 25.10 -12.46 1.85
N ASP A 347 25.85 -13.57 1.92
CA ASP A 347 27.31 -13.57 2.19
C ASP A 347 28.11 -12.67 1.23
N ARG A 348 27.87 -12.82 -0.07
CA ARG A 348 28.49 -11.98 -1.11
C ARG A 348 28.05 -10.51 -1.02
N VAL A 349 26.77 -10.27 -0.70
CA VAL A 349 26.27 -8.91 -0.50
C VAL A 349 27.00 -8.27 0.70
N ILE A 350 27.11 -8.98 1.82
CA ILE A 350 27.85 -8.45 2.99
C ILE A 350 29.32 -8.09 2.67
N ASP A 351 29.99 -8.99 1.94
CA ASP A 351 31.34 -8.74 1.50
C ASP A 351 31.44 -7.49 0.64
N PHE A 352 30.48 -7.27 -0.25
CA PHE A 352 30.47 -6.07 -1.09
C PHE A 352 30.35 -4.82 -0.23
N TYR A 353 29.33 -4.76 0.63
CA TYR A 353 29.17 -3.58 1.49
C TYR A 353 30.31 -3.37 2.51
N SER A 354 30.83 -4.47 3.06
CA SER A 354 32.00 -4.40 3.97
C SER A 354 33.23 -3.83 3.27
N ASN A 355 33.44 -4.25 2.01
N ASN A 355 33.45 -4.24 2.01
CA ASN A 355 34.51 -3.70 1.17
CA ASN A 355 34.54 -3.66 1.24
C ASN A 355 34.30 -2.20 0.87
C ASN A 355 34.31 -2.19 0.88
N GLN A 356 33.04 -1.81 0.62
CA GLN A 356 32.68 -0.39 0.49
C GLN A 356 32.92 0.41 1.77
N LYS A 357 32.53 -0.15 2.91
CA LYS A 357 32.82 0.43 4.23
C LYS A 357 34.32 0.68 4.44
N ASP A 358 35.14 -0.31 4.09
CA ASP A 358 36.58 -0.20 4.16
C ASP A 358 37.11 0.93 3.29
N ALA A 359 36.60 1.03 2.06
CA ALA A 359 37.04 2.05 1.11
C ALA A 359 36.68 3.46 1.61
N ILE A 360 35.43 3.65 2.07
CA ILE A 360 35.04 4.96 2.59
C ILE A 360 35.84 5.36 3.84
N LEU A 361 36.15 4.38 4.68
CA LEU A 361 36.94 4.60 5.89
C LEU A 361 38.36 4.97 5.55
N ALA A 362 38.93 4.30 4.54
CA ALA A 362 40.26 4.63 4.01
C ALA A 362 40.30 6.04 3.41
N ALA A 363 39.21 6.44 2.73
CA ALA A 363 39.08 7.81 2.20
C ALA A 363 39.02 8.82 3.33
N ALA A 364 38.23 8.51 4.35
CA ALA A 364 38.10 9.36 5.54
C ALA A 364 39.44 9.52 6.28
N ASP A 365 40.13 8.39 6.50
CA ASP A 365 41.47 8.41 7.13
C ASP A 365 42.42 9.32 6.36
N LYS A 366 42.40 9.19 5.03
CA LYS A 366 43.26 9.96 4.13
C LYS A 366 43.00 11.48 4.14
N TRP A 367 41.72 11.88 4.16
CA TRP A 367 41.32 13.29 3.97
C TRP A 367 40.73 14.04 5.18
N LEU A 368 40.14 13.33 6.15
CA LEU A 368 39.25 13.96 7.16
C LEU A 368 39.68 13.93 8.63
N THR A 369 40.78 13.24 8.94
CA THR A 369 41.27 13.15 10.33
C THR A 369 41.61 14.53 10.84
N GLY A 370 41.18 14.85 12.05
CA GLY A 370 41.40 16.18 12.63
C GLY A 370 40.51 17.32 12.14
N LEU A 371 39.73 17.08 11.09
CA LEU A 371 38.62 17.93 10.67
C LEU A 371 37.29 17.34 11.10
N ALA A 372 37.22 16.01 11.19
CA ALA A 372 36.01 15.28 11.53
C ALA A 372 36.26 14.11 12.46
N GLU A 373 35.16 13.56 12.97
CA GLU A 373 35.15 12.34 13.78
C GLU A 373 34.07 11.38 13.29
N TRP A 374 34.34 10.08 13.41
CA TRP A 374 33.40 9.03 12.97
C TRP A 374 33.72 7.70 13.64
N HIS A 375 32.69 6.89 13.86
CA HIS A 375 32.80 5.47 14.28
C HIS A 375 32.71 4.54 13.07
N VAL A 376 33.31 3.36 13.19
CA VAL A 376 33.25 2.33 12.15
C VAL A 376 31.79 1.80 12.12
N PRO A 377 31.10 1.85 10.96
CA PRO A 377 29.76 1.24 10.89
C PRO A 377 29.80 -0.28 11.09
N ALA A 378 28.87 -0.80 11.90
CA ALA A 378 28.72 -2.28 12.15
C ALA A 378 27.86 -2.99 11.08
N ALA A 379 27.06 -2.23 10.36
CA ALA A 379 26.21 -2.75 9.29
C ALA A 379 25.73 -1.63 8.41
N GLY A 380 25.08 -2.01 7.32
CA GLY A 380 24.36 -1.06 6.52
C GLY A 380 25.20 -0.36 5.46
N MET A 381 24.81 0.88 5.16
CA MET A 381 25.26 1.60 3.97
C MET A 381 25.80 3.00 4.24
N PHE A 382 25.90 3.41 5.50
CA PHE A 382 26.15 4.81 5.87
C PHE A 382 27.31 5.01 6.83
N LEU A 383 28.12 6.04 6.52
CA LEU A 383 29.11 6.60 7.44
C LEU A 383 28.61 7.93 7.98
N TRP A 384 28.61 8.06 9.31
CA TRP A 384 28.11 9.21 10.02
C TRP A 384 29.34 9.97 10.50
N ILE A 385 29.42 11.25 10.10
CA ILE A 385 30.64 12.06 10.26
C ILE A 385 30.22 13.27 11.07
N LYS A 386 30.88 13.51 12.20
CA LYS A 386 30.79 14.78 12.95
C LYS A 386 31.93 15.71 12.52
N VAL A 387 31.58 16.84 11.90
CA VAL A 387 32.57 17.84 11.46
C VAL A 387 32.92 18.71 12.68
N LYS A 388 34.22 18.79 13.02
CA LYS A 388 34.70 19.58 14.18
C LYS A 388 34.66 21.08 13.85
N GLY A 389 34.34 21.92 14.83
CA GLY A 389 34.40 23.40 14.66
C GLY A 389 33.15 24.06 14.11
N ILE A 390 32.54 23.45 13.10
CA ILE A 390 31.31 23.94 12.44
C ILE A 390 30.05 23.58 13.24
N ASN A 391 29.25 24.58 13.64
CA ASN A 391 27.96 24.35 14.36
C ASN A 391 26.85 23.74 13.50
N ASP A 392 26.85 24.05 12.19
CA ASP A 392 25.82 23.58 11.25
C ASP A 392 26.39 23.33 9.86
N VAL A 393 26.12 22.13 9.34
CA VAL A 393 26.47 21.74 8.00
C VAL A 393 25.25 21.97 7.11
N MET A 404 29.49 15.87 -6.96
CA MET A 404 29.13 14.92 -5.91
C MET A 404 29.95 13.58 -6.07
N GLY A 405 29.30 12.41 -6.20
CA GLY A 405 29.94 11.08 -6.18
C GLY A 405 29.46 10.26 -4.98
N VAL A 406 29.89 10.70 -3.79
CA VAL A 406 29.42 10.20 -2.49
C VAL A 406 28.29 11.13 -2.05
N LEU A 407 27.06 10.61 -1.93
CA LEU A 407 25.98 11.43 -1.33
C LEU A 407 26.33 11.75 0.11
N MET A 408 26.29 13.04 0.44
CA MET A 408 26.50 13.56 1.79
C MET A 408 25.31 14.43 2.15
N LEU A 409 24.56 14.02 3.18
CA LEU A 409 23.36 14.73 3.65
C LEU A 409 23.60 15.34 5.01
N PRO A 410 23.15 16.59 5.24
CA PRO A 410 23.26 17.16 6.59
C PRO A 410 22.51 16.35 7.62
N GLY A 411 23.04 16.32 8.84
CA GLY A 411 22.43 15.60 9.97
C GLY A 411 21.03 16.03 10.37
N ASN A 412 20.69 17.28 10.07
CA ASN A 412 19.36 17.90 10.26
C ASN A 412 18.18 17.02 9.96
N ALA A 413 18.24 16.30 8.84
CA ALA A 413 17.14 15.46 8.39
C ALA A 413 16.85 14.23 9.25
N PHE A 414 17.71 13.91 10.22
CA PHE A 414 17.53 12.74 11.05
C PHE A 414 17.12 13.04 12.49
N TYR A 415 16.70 14.28 12.76
CA TYR A 415 16.16 14.66 14.06
C TYR A 415 14.71 15.11 13.93
N VAL A 416 14.01 15.01 15.06
CA VAL A 416 12.64 15.50 15.18
C VAL A 416 12.62 16.99 14.87
N ASP A 417 13.55 17.74 15.48
CA ASP A 417 13.71 19.16 15.18
C ASP A 417 14.77 19.31 14.09
N SER A 418 14.33 19.25 12.83
CA SER A 418 15.20 19.41 11.68
C SER A 418 15.68 20.85 11.46
N SER A 419 15.01 21.84 12.08
CA SER A 419 15.47 23.22 12.05
C SER A 419 16.71 23.47 12.93
N ALA A 420 16.96 22.60 13.92
CA ALA A 420 18.10 22.79 14.84
C ALA A 420 19.44 22.58 14.12
N PRO A 421 20.50 23.36 14.49
CA PRO A 421 21.82 23.12 13.88
C PRO A 421 22.38 21.69 14.11
N SER A 422 23.06 21.15 13.11
CA SER A 422 23.68 19.82 13.20
C SER A 422 25.08 19.85 12.61
N PRO A 423 26.12 19.45 13.41
CA PRO A 423 27.48 19.31 12.85
C PRO A 423 27.74 18.00 12.07
N TYR A 424 26.72 17.15 11.89
CA TYR A 424 26.85 15.82 11.27
C TYR A 424 26.55 15.79 9.77
N LEU A 425 27.27 14.91 9.08
CA LEU A 425 27.03 14.53 7.70
C LEU A 425 26.83 13.01 7.68
N ARG A 426 25.87 12.54 6.89
CA ARG A 426 25.72 11.12 6.59
C ARG A 426 26.26 10.93 5.18
N ALA A 427 27.29 10.11 5.05
CA ALA A 427 27.91 9.78 3.76
C ALA A 427 27.50 8.38 3.36
N SER A 428 27.03 8.22 2.12
N SER A 428 27.14 8.22 2.09
CA SER A 428 26.66 6.89 1.63
CA SER A 428 26.66 6.97 1.54
C SER A 428 27.83 6.18 0.98
C SER A 428 27.79 6.18 0.88
N PHE A 429 27.97 4.89 1.25
CA PHE A 429 28.97 4.01 0.62
C PHE A 429 28.37 2.82 -0.15
N SER A 430 27.07 2.84 -0.46
CA SER A 430 26.49 1.76 -1.27
C SER A 430 27.11 1.59 -2.67
N SER A 431 27.50 2.69 -3.33
CA SER A 431 27.91 2.62 -4.72
C SER A 431 29.14 3.38 -5.18
N ALA A 432 29.63 4.38 -4.44
CA ALA A 432 30.81 5.13 -4.89
C ALA A 432 32.03 4.20 -4.99
N SER A 433 32.82 4.41 -6.04
CA SER A 433 34.09 3.74 -6.23
C SER A 433 35.13 4.36 -5.30
N PRO A 434 36.28 3.69 -5.09
CA PRO A 434 37.36 4.28 -4.29
C PRO A 434 37.85 5.66 -4.78
N GLU A 435 37.95 5.83 -6.10
CA GLU A 435 38.31 7.13 -6.75
C GLU A 435 37.31 8.20 -6.40
N GLN A 436 36.01 7.89 -6.52
CA GLN A 436 34.94 8.83 -6.16
C GLN A 436 34.99 9.25 -4.69
N MET A 437 35.24 8.29 -3.79
CA MET A 437 35.38 8.58 -2.36
C MET A 437 36.55 9.50 -2.10
N ASP A 438 37.68 9.18 -2.74
CA ASP A 438 38.90 9.99 -2.66
C ASP A 438 38.69 11.46 -3.07
N VAL A 439 38.02 11.67 -4.22
CA VAL A 439 37.71 13.01 -4.73
C VAL A 439 36.73 13.71 -3.80
N ALA A 440 35.66 13.02 -3.44
CA ALA A 440 34.57 13.58 -2.62
C ALA A 440 35.06 14.10 -1.27
N PHE A 441 35.91 13.31 -0.60
CA PHE A 441 36.45 13.72 0.70
C PHE A 441 37.57 14.76 0.60
N GLN A 442 38.37 14.70 -0.47
CA GLN A 442 39.28 15.81 -0.83
C GLN A 442 38.50 17.13 -0.90
N VAL A 443 37.41 17.12 -1.65
CA VAL A 443 36.50 18.28 -1.73
C VAL A 443 35.92 18.66 -0.36
N LEU A 444 35.43 17.69 0.40
CA LEU A 444 34.85 17.97 1.74
C LEU A 444 35.88 18.58 2.72
N ALA A 445 37.10 18.05 2.71
CA ALA A 445 38.19 18.58 3.54
C ALA A 445 38.47 20.04 3.24
N GLN A 446 38.54 20.36 1.94
CA GLN A 446 38.75 21.74 1.46
C GLN A 446 37.63 22.65 1.97
N LEU A 447 36.38 22.24 1.76
CA LEU A 447 35.21 23.02 2.22
C LEU A 447 35.19 23.25 3.74
N ILE A 448 35.52 22.20 4.51
CA ILE A 448 35.65 22.29 5.98
C ILE A 448 36.75 23.29 6.37
N LYS A 449 37.95 23.12 5.80
CA LYS A 449 39.12 23.98 6.13
C LYS A 449 38.83 25.48 5.90
N GLU A 450 38.28 25.80 4.74
CA GLU A 450 37.97 27.21 4.40
C GLU A 450 36.76 27.79 5.15
N SER A 451 35.92 26.94 5.75
CA SER A 451 34.80 27.40 6.58
C SER A 451 35.09 27.60 8.08
N LEU A 452 36.19 27.06 8.60
CA LEU A 452 36.54 27.19 10.03
C LEU A 452 36.90 28.62 10.45
N ALA B 25 -16.25 28.95 -12.58
CA ALA B 25 -15.41 28.17 -11.61
C ALA B 25 -15.47 28.73 -10.19
N MET B 26 -16.07 27.95 -9.29
CA MET B 26 -16.22 28.33 -7.87
C MET B 26 -14.88 28.13 -7.17
N GLU B 27 -14.55 29.05 -6.27
CA GLU B 27 -13.37 28.95 -5.41
C GLU B 27 -13.52 27.74 -4.46
N MET B 28 -12.45 26.95 -4.36
CA MET B 28 -12.42 25.79 -3.49
C MET B 28 -11.65 26.10 -2.22
N ASN B 29 -12.12 25.55 -1.11
CA ASN B 29 -11.38 25.59 0.15
C ASN B 29 -10.96 24.16 0.45
N TYR B 30 -9.81 23.78 -0.09
CA TYR B 30 -9.33 22.40 0.04
C TYR B 30 -9.04 21.99 1.48
N ALA B 31 -8.67 22.96 2.31
CA ALA B 31 -8.40 22.74 3.72
C ALA B 31 -9.57 22.10 4.45
N ARG B 32 -10.82 22.38 4.09
CA ARG B 32 -11.96 21.67 4.72
C ARG B 32 -12.07 20.16 4.39
N PHE B 33 -11.40 19.69 3.34
CA PHE B 33 -11.35 18.26 2.98
C PHE B 33 -10.04 17.55 3.39
N ILE B 34 -9.31 18.14 4.34
CA ILE B 34 -7.98 17.65 4.75
C ILE B 34 -8.05 17.59 6.28
N THR B 35 -7.91 16.40 6.87
CA THR B 35 -7.86 16.22 8.33
C THR B 35 -6.63 16.92 8.92
N ALA B 36 -6.60 17.03 10.24
CA ALA B 36 -5.46 17.62 10.94
C ALA B 36 -4.16 16.84 10.68
N ALA B 37 -4.29 15.51 10.66
CA ALA B 37 -3.17 14.60 10.45
C ALA B 37 -2.64 14.67 9.02
N SER B 38 -3.57 14.70 8.06
CA SER B 38 -3.20 14.84 6.65
C SER B 38 -2.49 16.18 6.42
N ALA B 39 -3.09 17.27 6.90
CA ALA B 39 -2.48 18.62 6.83
C ALA B 39 -1.09 18.71 7.49
N ALA B 40 -0.88 17.95 8.58
CA ALA B 40 0.39 17.91 9.29
C ALA B 40 1.55 17.30 8.51
N ARG B 41 1.26 16.50 7.49
CA ARG B 41 2.29 15.85 6.67
C ARG B 41 3.11 16.90 5.94
N ASN B 42 4.42 16.73 5.94
CA ASN B 42 5.35 17.65 5.31
C ASN B 42 6.20 16.93 4.30
N PRO B 43 6.72 17.67 3.28
CA PRO B 43 7.69 17.02 2.40
C PRO B 43 8.93 16.60 3.21
N SER B 44 9.58 15.54 2.77
CA SER B 44 10.80 15.07 3.43
C SER B 44 11.87 16.17 3.55
N PRO B 45 12.50 16.35 4.73
CA PRO B 45 13.71 17.19 4.77
C PRO B 45 14.85 16.73 3.83
N ILE B 46 14.89 15.45 3.47
CA ILE B 46 15.85 14.95 2.47
C ILE B 46 15.41 15.42 1.07
N GLY B 56 19.70 19.32 -13.20
CA GLY B 56 19.01 18.81 -14.39
C GLY B 56 17.83 17.86 -14.16
N PRO B 57 17.25 17.31 -15.26
CA PRO B 57 16.10 16.41 -15.17
C PRO B 57 16.30 15.24 -14.18
N LYS B 58 15.39 15.11 -13.24
CA LYS B 58 15.54 14.21 -12.09
C LYS B 58 15.22 12.76 -12.49
N SER B 59 16.20 11.87 -12.33
CA SER B 59 16.06 10.44 -12.58
C SER B 59 16.78 9.65 -11.46
N MET B 60 16.19 8.51 -11.10
CA MET B 60 16.78 7.56 -10.16
C MET B 60 18.01 6.88 -10.71
N ILE B 61 18.12 6.71 -12.05
CA ILE B 61 19.35 6.16 -12.69
C ILE B 61 20.55 6.98 -12.24
N SER B 62 20.40 8.31 -12.22
CA SER B 62 21.46 9.23 -11.79
C SER B 62 21.44 9.52 -10.28
N LEU B 63 20.27 9.61 -9.64
CA LEU B 63 20.14 10.04 -8.21
C LEU B 63 20.13 8.91 -7.14
N ALA B 64 20.39 7.66 -7.54
CA ALA B 64 20.32 6.48 -6.61
C ALA B 64 21.70 5.96 -6.16
N GLY B 65 22.74 6.80 -6.26
CA GLY B 65 24.09 6.49 -5.75
C GLY B 65 24.14 6.10 -4.27
N GLY B 66 23.36 6.81 -3.43
CA GLY B 66 23.22 6.49 -2.01
C GLY B 66 22.23 5.40 -1.54
N LEU B 67 21.31 5.04 -2.43
CA LEU B 67 20.32 3.97 -2.20
C LEU B 67 21.00 2.61 -2.35
N PRO B 68 20.33 1.51 -2.02
CA PRO B 68 21.03 0.20 -2.13
C PRO B 68 21.57 -0.09 -3.52
N ASN B 69 22.74 -0.71 -3.58
CA ASN B 69 23.41 -0.95 -4.85
C ASN B 69 22.65 -2.05 -5.62
N PRO B 70 22.15 -1.74 -6.83
CA PRO B 70 21.33 -2.74 -7.53
C PRO B 70 22.08 -3.90 -8.16
N ASN B 71 23.42 -3.81 -8.23
CA ASN B 71 24.26 -4.92 -8.65
C ASN B 71 24.23 -6.10 -7.70
N MET B 72 23.82 -5.86 -6.46
CA MET B 72 23.61 -6.93 -5.49
C MET B 72 22.33 -7.70 -5.73
N PHE B 73 21.40 -7.18 -6.53
CA PHE B 73 20.10 -7.81 -6.72
C PHE B 73 20.25 -8.96 -7.70
N PRO B 74 19.55 -10.09 -7.44
CA PRO B 74 19.83 -11.32 -8.19
C PRO B 74 19.18 -11.45 -9.56
N PHE B 75 18.13 -10.69 -9.86
CA PHE B 75 17.47 -10.76 -11.17
C PHE B 75 18.26 -9.82 -12.09
N LYS B 76 18.60 -10.28 -13.30
CA LYS B 76 19.55 -9.57 -14.19
C LYS B 76 18.98 -9.05 -15.51
N THR B 77 18.18 -9.86 -16.18
CA THR B 77 17.42 -9.46 -17.37
C THR B 77 16.06 -10.12 -17.37
N ALA B 78 15.13 -9.58 -18.17
CA ALA B 78 13.84 -10.22 -18.39
C ALA B 78 13.31 -10.06 -19.81
N VAL B 79 12.64 -11.10 -20.30
CA VAL B 79 11.81 -11.03 -21.48
C VAL B 79 10.41 -11.40 -21.05
N ILE B 80 9.43 -10.59 -21.40
CA ILE B 80 8.01 -10.85 -21.12
C ILE B 80 7.28 -10.86 -22.48
N THR B 81 6.67 -12.00 -22.84
CA THR B 81 5.85 -12.07 -24.05
C THR B 81 4.54 -11.31 -23.82
N VAL B 82 4.05 -10.74 -24.90
CA VAL B 82 2.87 -9.89 -24.95
C VAL B 82 2.02 -10.42 -26.08
N GLU B 83 0.70 -10.22 -25.97
CA GLU B 83 -0.25 -10.63 -27.00
C GLU B 83 0.12 -10.11 -28.39
N ASN B 84 -0.31 -10.87 -29.39
CA ASN B 84 -0.09 -10.57 -30.81
C ASN B 84 1.39 -10.76 -31.18
N GLY B 85 2.05 -11.72 -30.51
CA GLY B 85 3.44 -12.07 -30.81
C GLY B 85 4.52 -11.03 -30.57
N LYS B 86 4.31 -10.18 -29.56
CA LYS B 86 5.23 -9.09 -29.19
C LYS B 86 5.95 -9.44 -27.91
N THR B 87 6.94 -8.62 -27.57
CA THR B 87 7.63 -8.71 -26.31
C THR B 87 7.94 -7.36 -25.67
N ILE B 88 8.19 -7.43 -24.36
CA ILE B 88 8.85 -6.39 -23.60
C ILE B 88 10.15 -7.01 -23.05
N GLN B 89 11.26 -6.29 -23.20
CA GLN B 89 12.59 -6.74 -22.77
C GLN B 89 13.11 -5.77 -21.74
N PHE B 90 13.57 -6.30 -20.62
CA PHE B 90 14.35 -5.57 -19.64
C PHE B 90 15.79 -6.05 -19.76
N GLY B 91 16.64 -5.22 -20.37
CA GLY B 91 18.07 -5.42 -20.38
C GLY B 91 18.71 -5.15 -19.02
N GLU B 92 20.03 -5.18 -18.97
CA GLU B 92 20.72 -5.15 -17.68
C GLU B 92 20.47 -3.83 -16.94
N GLU B 93 20.57 -2.72 -17.68
CA GLU B 93 20.36 -1.39 -17.10
C GLU B 93 18.92 -1.20 -16.63
N MET B 94 17.97 -1.53 -17.52
N MET B 94 17.97 -1.54 -17.51
CA MET B 94 16.54 -1.46 -17.22
CA MET B 94 16.55 -1.46 -17.21
C MET B 94 16.13 -2.35 -16.06
C MET B 94 16.13 -2.35 -16.04
N MET B 95 16.72 -3.55 -15.95
CA MET B 95 16.49 -4.43 -14.79
C MET B 95 16.93 -3.76 -13.48
N LYS B 96 18.10 -3.10 -13.48
CA LYS B 96 18.56 -2.42 -12.28
C LYS B 96 17.62 -1.30 -11.85
N ARG B 97 17.08 -0.56 -12.82
CA ARG B 97 16.06 0.43 -12.55
C ARG B 97 14.78 -0.18 -11.99
N ALA B 98 14.31 -1.23 -12.65
CA ALA B 98 13.11 -2.01 -12.26
C ALA B 98 13.17 -2.60 -10.85
N LEU B 99 14.37 -2.96 -10.42
CA LEU B 99 14.65 -3.47 -9.08
C LEU B 99 15.00 -2.40 -8.04
N GLN B 100 15.07 -1.12 -8.44
CA GLN B 100 15.48 -0.02 -7.55
C GLN B 100 14.24 0.80 -7.17
N TYR B 101 14.36 1.48 -6.03
CA TYR B 101 13.43 2.54 -5.64
C TYR B 101 13.11 3.55 -6.78
N SER B 102 11.94 4.17 -6.64
CA SER B 102 11.40 5.10 -7.62
C SER B 102 10.47 6.12 -6.91
N PRO B 103 10.08 7.20 -7.63
CA PRO B 103 9.31 8.24 -6.96
C PRO B 103 7.95 7.79 -6.45
N SER B 104 7.54 8.40 -5.34
CA SER B 104 6.27 8.08 -4.66
C SER B 104 5.04 8.29 -5.52
N ALA B 105 5.02 9.36 -6.32
CA ALA B 105 3.88 9.61 -7.23
C ALA B 105 3.85 8.70 -8.46
N GLY B 106 4.90 7.90 -8.67
CA GLY B 106 4.99 7.00 -9.82
C GLY B 106 6.18 7.41 -10.69
N ILE B 107 6.52 6.56 -11.66
CA ILE B 107 7.62 6.84 -12.58
C ILE B 107 7.17 7.95 -13.55
N PRO B 108 8.07 8.91 -13.83
CA PRO B 108 7.67 10.09 -14.56
C PRO B 108 7.06 9.81 -15.95
N GLU B 109 7.62 8.86 -16.70
CA GLU B 109 7.14 8.57 -18.03
C GLU B 109 5.75 7.90 -18.01
N LEU B 110 5.44 7.14 -16.96
CA LEU B 110 4.08 6.61 -16.78
C LEU B 110 3.10 7.73 -16.43
N LEU B 111 3.46 8.59 -15.49
CA LEU B 111 2.69 9.77 -15.16
C LEU B 111 2.41 10.67 -16.35
N SER B 112 3.45 10.90 -17.16
CA SER B 112 3.33 11.72 -18.35
C SER B 112 2.41 11.11 -19.41
N TRP B 113 2.55 9.80 -19.66
CA TRP B 113 1.74 9.10 -20.66
C TRP B 113 0.25 9.12 -20.22
N LEU B 114 0.02 8.81 -18.94
CA LEU B 114 -1.32 8.84 -18.33
C LEU B 114 -1.94 10.24 -18.28
N LYS B 115 -1.14 11.26 -18.01
CA LYS B 115 -1.62 12.66 -18.10
C LYS B 115 -2.20 12.96 -19.47
N GLN B 116 -1.50 12.57 -20.53
CA GLN B 116 -1.97 12.73 -21.90
C GLN B 116 -3.18 11.85 -22.20
N LEU B 117 -3.23 10.65 -21.64
CA LEU B 117 -4.42 9.82 -21.77
C LEU B 117 -5.65 10.52 -21.13
N GLN B 118 -5.48 11.07 -19.93
CA GLN B 118 -6.57 11.79 -19.27
C GLN B 118 -7.02 13.02 -20.03
N ILE B 119 -6.06 13.72 -20.64
CA ILE B 119 -6.41 14.84 -21.51
C ILE B 119 -7.23 14.40 -22.72
N LYS B 120 -6.83 13.33 -23.39
CA LYS B 120 -7.52 12.86 -24.58
C LYS B 120 -8.92 12.29 -24.28
N LEU B 121 -9.04 11.53 -23.20
CA LEU B 121 -10.30 10.90 -22.84
C LEU B 121 -11.30 11.82 -22.17
N HIS B 122 -10.80 12.72 -21.32
CA HIS B 122 -11.61 13.53 -20.43
C HIS B 122 -11.46 15.02 -20.58
N ASN B 123 -10.42 15.50 -21.27
CA ASN B 123 -10.10 16.92 -21.38
C ASN B 123 -10.53 17.72 -20.15
N PRO B 124 -9.92 17.40 -18.97
CA PRO B 124 -10.42 18.04 -17.77
C PRO B 124 -10.24 19.58 -17.80
N PRO B 125 -11.26 20.35 -17.35
CA PRO B 125 -11.10 21.84 -17.28
C PRO B 125 -9.90 22.35 -16.46
N THR B 126 -9.44 21.55 -15.49
CA THR B 126 -8.41 21.95 -14.54
C THR B 126 -6.95 21.80 -15.00
N ILE B 127 -6.70 21.33 -16.22
CA ILE B 127 -5.34 21.05 -16.73
C ILE B 127 -4.38 22.24 -16.45
N HIS B 128 -4.79 23.44 -16.86
CA HIS B 128 -3.98 24.65 -16.72
C HIS B 128 -4.38 25.59 -15.58
N TYR B 129 -5.19 25.15 -14.62
CA TYR B 129 -5.47 25.99 -13.44
C TYR B 129 -4.17 26.12 -12.62
N PRO B 130 -4.03 27.21 -11.82
CA PRO B 130 -2.89 27.26 -10.88
C PRO B 130 -2.91 26.08 -9.90
N PRO B 131 -1.74 25.65 -9.39
CA PRO B 131 -1.70 24.58 -8.38
C PRO B 131 -2.70 24.74 -7.22
N SER B 132 -2.76 25.94 -6.65
CA SER B 132 -3.65 26.26 -5.52
C SER B 132 -5.15 26.20 -5.86
N GLN B 133 -5.51 26.35 -7.13
CA GLN B 133 -6.91 26.24 -7.62
C GLN B 133 -7.31 24.84 -8.15
N GLY B 134 -6.57 23.80 -7.79
CA GLY B 134 -6.94 22.45 -8.14
C GLY B 134 -6.49 21.99 -9.49
N GLN B 135 -5.30 22.43 -9.91
CA GLN B 135 -4.63 21.97 -11.12
C GLN B 135 -4.67 20.47 -11.20
N MET B 136 -4.98 19.92 -12.37
CA MET B 136 -5.06 18.46 -12.50
C MET B 136 -3.69 17.82 -12.23
N ASP B 137 -3.69 16.86 -11.32
CA ASP B 137 -2.49 16.19 -10.85
C ASP B 137 -2.80 14.71 -10.78
N LEU B 138 -1.79 13.89 -11.10
CA LEU B 138 -1.93 12.44 -11.12
C LEU B 138 -0.97 11.81 -10.11
N CYS B 139 -1.37 10.68 -9.58
CA CYS B 139 -0.55 9.85 -8.73
C CYS B 139 -0.78 8.41 -9.15
N VAL B 140 0.28 7.69 -9.51
CA VAL B 140 0.23 6.23 -9.68
C VAL B 140 0.15 5.64 -8.27
N THR B 141 -0.71 4.65 -8.10
CA THR B 141 -0.95 3.98 -6.81
C THR B 141 -0.80 2.48 -6.95
N SER B 142 -0.69 1.82 -5.80
CA SER B 142 -0.52 0.39 -5.73
C SER B 142 -1.89 -0.28 -5.74
N GLY B 143 -2.50 -0.23 -6.93
CA GLY B 143 -3.95 -0.42 -7.11
C GLY B 143 -4.67 0.88 -6.89
N SER B 144 -5.84 1.02 -7.53
CA SER B 144 -6.72 2.17 -7.29
C SER B 144 -7.25 2.24 -5.85
N GLN B 145 -7.49 1.09 -5.24
CA GLN B 145 -7.96 1.03 -3.85
C GLN B 145 -7.03 1.64 -2.82
N GLN B 146 -5.73 1.60 -3.10
CA GLN B 146 -4.80 2.32 -2.25
C GLN B 146 -5.07 3.82 -2.33
N GLY B 147 -5.25 4.32 -3.55
CA GLY B 147 -5.61 5.73 -3.78
C GLY B 147 -6.86 6.12 -3.03
N LEU B 148 -7.91 5.32 -3.21
CA LEU B 148 -9.22 5.59 -2.59
C LEU B 148 -9.11 5.61 -1.08
N CYS B 149 -8.45 4.59 -0.51
CA CYS B 149 -8.23 4.52 0.95
C CYS B 149 -7.53 5.75 1.50
N LYS B 150 -6.47 6.14 0.82
CA LYS B 150 -5.71 7.36 1.14
C LYS B 150 -6.59 8.63 1.05
N VAL B 151 -7.47 8.68 0.06
CA VAL B 151 -8.40 9.82 -0.12
C VAL B 151 -9.36 9.88 1.05
N PHE B 152 -9.95 8.73 1.39
CA PHE B 152 -10.87 8.61 2.53
C PHE B 152 -10.20 9.01 3.84
N GLU B 153 -9.00 8.50 4.08
CA GLU B 153 -8.22 8.87 5.27
C GLU B 153 -7.88 10.38 5.32
N MET B 154 -7.55 10.94 4.15
CA MET B 154 -7.24 12.38 4.04
C MET B 154 -8.42 13.26 4.48
N ILE B 155 -9.65 12.83 4.16
CA ILE B 155 -10.85 13.64 4.31
C ILE B 155 -11.55 13.45 5.65
N ILE B 156 -11.78 12.21 6.07
CA ILE B 156 -12.84 11.89 7.03
C ILE B 156 -12.38 11.99 8.47
N ASN B 157 -13.02 12.85 9.24
CA ASN B 157 -13.03 12.78 10.71
C ASN B 157 -14.26 12.00 11.20
N PRO B 158 -14.18 11.40 12.41
CA PRO B 158 -15.37 10.72 12.95
C PRO B 158 -16.57 11.66 13.07
N GLY B 159 -17.73 11.15 12.69
CA GLY B 159 -18.97 11.93 12.63
C GLY B 159 -19.22 12.71 11.34
N ASP B 160 -18.23 12.82 10.43
CA ASP B 160 -18.52 13.37 9.08
C ASP B 160 -19.56 12.56 8.31
N ASN B 161 -20.27 13.25 7.42
CA ASN B 161 -21.28 12.63 6.56
C ASN B 161 -20.71 12.38 5.19
N VAL B 162 -20.96 11.20 4.66
CA VAL B 162 -20.57 10.84 3.32
C VAL B 162 -21.79 10.29 2.61
N LEU B 163 -21.85 10.53 1.31
CA LEU B 163 -22.96 10.13 0.46
C LEU B 163 -22.46 9.04 -0.44
N LEU B 164 -23.22 7.96 -0.56
CA LEU B 164 -22.98 6.98 -1.61
C LEU B 164 -24.23 6.22 -1.87
N ASP B 165 -24.21 5.44 -2.95
CA ASP B 165 -25.33 4.58 -3.35
C ASP B 165 -25.01 3.13 -2.97
N GLU B 166 -25.90 2.53 -2.18
CA GLU B 166 -25.90 1.10 -1.85
C GLU B 166 -26.84 0.40 -2.86
N PRO B 167 -26.55 -0.79 -3.39
CA PRO B 167 -25.42 -1.62 -3.00
C PRO B 167 -24.10 -1.04 -3.50
N ALA B 168 -23.12 -1.03 -2.60
CA ALA B 168 -21.81 -0.46 -2.88
C ALA B 168 -20.79 -1.57 -2.75
N TYR B 169 -19.65 -1.37 -3.39
CA TYR B 169 -18.53 -2.26 -3.25
C TYR B 169 -18.17 -2.48 -1.78
N SER B 170 -18.06 -3.75 -1.37
CA SER B 170 -17.76 -4.13 0.03
C SER B 170 -16.46 -3.53 0.56
N GLY B 171 -15.44 -3.49 -0.29
CA GLY B 171 -14.16 -2.86 0.06
C GLY B 171 -14.30 -1.40 0.48
N THR B 172 -15.11 -0.63 -0.24
CA THR B 172 -15.35 0.77 0.12
C THR B 172 -16.04 0.90 1.47
N LEU B 173 -17.05 0.07 1.70
CA LEU B 173 -17.79 0.08 2.96
C LEU B 173 -16.89 -0.34 4.13
N GLN B 174 -16.16 -1.43 3.93
CA GLN B 174 -15.12 -1.95 4.85
C GLN B 174 -14.03 -0.87 5.17
N SER B 175 -13.64 -0.10 4.16
CA SER B 175 -12.70 1.03 4.30
C SER B 175 -13.28 2.23 5.07
N LEU B 176 -14.54 2.58 4.82
CA LEU B 176 -15.18 3.74 5.48
C LEU B 176 -15.59 3.49 6.92
N HIS B 177 -15.98 2.25 7.23
CA HIS B 177 -16.45 1.89 8.56
C HIS B 177 -15.57 2.31 9.77
N PRO B 178 -14.25 1.98 9.76
CA PRO B 178 -13.40 2.35 10.87
C PRO B 178 -13.09 3.84 10.98
N LEU B 179 -13.33 4.60 9.92
CA LEU B 179 -13.20 6.06 9.96
C LEU B 179 -14.34 6.78 10.67
N GLY B 180 -15.43 6.06 10.97
CA GLY B 180 -16.51 6.57 11.80
C GLY B 180 -17.35 7.65 11.18
N CYS B 181 -17.41 7.70 9.85
CA CYS B 181 -18.34 8.60 9.15
C CYS B 181 -19.76 8.01 9.21
N ASN B 182 -20.76 8.86 9.09
CA ASN B 182 -22.12 8.40 8.80
C ASN B 182 -22.22 8.26 7.28
N ILE B 183 -22.60 7.08 6.80
CA ILE B 183 -22.84 6.88 5.38
C ILE B 183 -24.34 7.12 5.15
N ILE B 184 -24.65 8.06 4.27
CA ILE B 184 -26.03 8.39 3.91
C ILE B 184 -26.25 7.79 2.51
N ASN B 185 -27.18 6.85 2.46
CA ASN B 185 -27.48 6.13 1.24
C ASN B 185 -28.34 6.99 0.32
N VAL B 186 -27.86 7.13 -0.92
CA VAL B 186 -28.55 7.85 -1.98
C VAL B 186 -29.21 6.77 -2.81
N ALA B 187 -30.48 6.98 -3.16
CA ALA B 187 -31.20 6.02 -3.98
C ALA B 187 -30.59 5.95 -5.38
N SER B 188 -30.60 4.73 -5.93
CA SER B 188 -30.14 4.43 -7.28
C SER B 188 -31.14 3.55 -8.00
N ASP B 189 -31.04 3.52 -9.32
CA ASP B 189 -31.81 2.63 -10.19
C ASP B 189 -30.91 2.14 -11.34
N GLU B 190 -31.51 1.58 -12.40
CA GLU B 190 -30.82 1.20 -13.66
C GLU B 190 -29.88 2.24 -14.28
N SER B 191 -30.13 3.52 -14.02
CA SER B 191 -29.24 4.59 -14.44
C SER B 191 -28.38 5.15 -13.31
N GLY B 192 -28.03 4.32 -12.33
CA GLY B 192 -27.19 4.75 -11.21
C GLY B 192 -27.93 5.69 -10.27
N ILE B 193 -27.16 6.51 -9.55
CA ILE B 193 -27.73 7.50 -8.61
C ILE B 193 -28.87 8.29 -9.26
N VAL B 194 -29.98 8.43 -8.51
CA VAL B 194 -31.14 9.22 -8.88
C VAL B 194 -30.92 10.62 -8.30
N PRO B 195 -30.70 11.64 -9.16
CA PRO B 195 -30.45 13.01 -8.66
C PRO B 195 -31.48 13.58 -7.69
N ASP B 196 -32.77 13.28 -7.90
CA ASP B 196 -33.84 13.73 -6.99
C ASP B 196 -33.66 13.20 -5.59
N SER B 197 -33.24 11.94 -5.44
CA SER B 197 -32.89 11.37 -4.11
C SER B 197 -31.76 12.16 -3.46
N LEU B 198 -30.69 12.42 -4.22
CA LEU B 198 -29.57 13.21 -3.75
C LEU B 198 -30.04 14.59 -3.31
N ARG B 199 -30.77 15.26 -4.20
CA ARG B 199 -31.43 16.53 -3.91
C ARG B 199 -32.26 16.48 -2.60
N ASP B 200 -33.08 15.43 -2.46
N ASP B 200 -33.07 15.43 -2.47
CA ASP B 200 -33.92 15.24 -1.27
CA ASP B 200 -33.93 15.21 -1.29
C ASP B 200 -33.10 15.04 0.00
C ASP B 200 -33.11 15.02 0.00
N ILE B 201 -32.03 14.24 -0.09
CA ILE B 201 -31.08 14.08 1.01
C ILE B 201 -30.41 15.41 1.40
N LEU B 202 -29.92 16.14 0.42
CA LEU B 202 -29.27 17.44 0.65
C LEU B 202 -30.18 18.54 1.20
N SER B 203 -31.47 18.48 0.90
CA SER B 203 -32.48 19.48 1.41
C SER B 203 -32.60 19.57 2.96
N ARG B 204 -32.18 18.48 3.60
CA ARG B 204 -31.89 18.39 5.03
C ARG B 204 -30.99 19.53 5.60
N TRP B 205 -30.08 20.02 4.76
CA TRP B 205 -29.34 21.25 5.00
C TRP B 205 -29.80 22.34 4.04
N LYS B 206 -29.35 23.56 4.33
CA LYS B 206 -29.33 24.67 3.37
C LYS B 206 -27.93 24.68 2.69
N PRO B 207 -27.81 25.15 1.42
CA PRO B 207 -26.49 25.28 0.76
C PRO B 207 -25.41 26.06 1.53
N GLU B 208 -25.81 27.13 2.20
CA GLU B 208 -24.91 27.98 2.99
C GLU B 208 -24.31 27.25 4.22
N ASP B 209 -24.97 26.18 4.69
CA ASP B 209 -24.44 25.30 5.74
C ASP B 209 -23.08 24.68 5.45
N ALA B 210 -22.70 24.53 4.18
CA ALA B 210 -21.32 24.15 3.79
C ALA B 210 -20.21 25.03 4.33
N LYS B 211 -20.52 26.31 4.61
CA LYS B 211 -19.58 27.23 5.27
C LYS B 211 -19.46 27.09 6.79
N ASN B 212 -20.37 26.33 7.41
CA ASN B 212 -20.43 26.11 8.84
C ASN B 212 -19.98 24.67 9.08
N PRO B 213 -18.73 24.46 9.55
CA PRO B 213 -18.30 23.08 9.85
C PRO B 213 -19.26 22.28 10.75
N GLN B 214 -19.90 22.96 11.71
CA GLN B 214 -20.75 22.35 12.73
C GLN B 214 -22.09 21.82 12.20
N LYS B 215 -22.49 22.31 11.01
CA LYS B 215 -23.65 21.78 10.32
C LYS B 215 -23.41 20.38 9.74
N ASN B 216 -22.14 20.03 9.54
CA ASN B 216 -21.74 18.69 9.14
C ASN B 216 -22.29 18.30 7.75
N THR B 217 -22.31 19.27 6.81
CA THR B 217 -22.76 18.97 5.45
C THR B 217 -21.80 17.95 4.84
N PRO B 218 -22.27 17.13 3.86
CA PRO B 218 -21.38 16.05 3.42
C PRO B 218 -20.05 16.54 2.84
N LYS B 219 -19.00 15.79 3.15
CA LYS B 219 -17.66 16.05 2.65
C LYS B 219 -17.51 15.56 1.22
N PHE B 220 -18.12 14.41 0.90
CA PHE B 220 -18.13 13.92 -0.46
C PHE B 220 -19.28 12.96 -0.79
N LEU B 221 -19.46 12.83 -2.10
CA LEU B 221 -20.24 11.76 -2.69
C LEU B 221 -19.28 10.82 -3.38
N TYR B 222 -19.40 9.53 -3.09
CA TYR B 222 -18.66 8.48 -3.73
C TYR B 222 -19.64 7.73 -4.61
N THR B 223 -19.22 7.41 -5.82
CA THR B 223 -19.95 6.48 -6.65
C THR B 223 -19.03 5.77 -7.63
N VAL B 224 -19.49 4.59 -8.07
CA VAL B 224 -18.92 3.85 -9.17
C VAL B 224 -19.79 4.14 -10.38
N PRO B 225 -19.37 5.07 -11.26
CA PRO B 225 -20.32 5.54 -12.29
C PRO B 225 -20.50 4.64 -13.51
N ASN B 226 -19.58 3.71 -13.76
CA ASN B 226 -19.77 2.73 -14.83
C ASN B 226 -19.74 1.34 -14.23
N GLY B 227 -20.79 0.57 -14.48
CA GLY B 227 -20.84 -0.87 -14.17
C GLY B 227 -20.57 -1.12 -12.71
N ASN B 228 -21.34 -0.45 -11.86
CA ASN B 228 -21.24 -0.59 -10.41
C ASN B 228 -21.09 -2.07 -10.01
N ASN B 229 -20.14 -2.34 -9.11
CA ASN B 229 -20.06 -3.61 -8.43
C ASN B 229 -20.96 -3.45 -7.19
N PRO B 230 -22.11 -4.15 -7.04
CA PRO B 230 -22.47 -5.38 -7.75
C PRO B 230 -23.53 -5.28 -8.87
N THR B 231 -24.11 -4.09 -9.10
CA THR B 231 -25.33 -3.96 -9.91
C THR B 231 -25.15 -4.02 -11.42
N GLY B 232 -23.98 -3.67 -11.93
CA GLY B 232 -23.74 -3.49 -13.35
C GLY B 232 -24.31 -2.24 -13.99
N ASN B 233 -24.85 -1.31 -13.20
CA ASN B 233 -25.55 -0.13 -13.68
C ASN B 233 -24.56 1.04 -13.76
N SER B 234 -24.85 1.94 -14.70
CA SER B 234 -24.04 3.10 -14.97
C SER B 234 -24.91 4.37 -15.01
N LEU B 235 -24.32 5.46 -14.53
CA LEU B 235 -24.86 6.80 -14.69
C LEU B 235 -24.91 7.28 -16.13
N THR B 236 -25.88 8.13 -16.39
CA THR B 236 -26.03 8.83 -17.65
C THR B 236 -25.24 10.13 -17.54
N SER B 237 -24.90 10.69 -18.70
CA SER B 237 -24.33 12.04 -18.79
C SER B 237 -25.19 13.09 -18.11
N GLU B 238 -26.49 13.09 -18.41
CA GLU B 238 -27.39 14.12 -17.86
C GLU B 238 -27.46 14.05 -16.32
N ARG B 239 -27.55 12.84 -15.76
CA ARG B 239 -27.51 12.70 -14.29
C ARG B 239 -26.20 13.14 -13.64
N LYS B 240 -25.08 12.84 -14.31
CA LYS B 240 -23.77 13.31 -13.85
C LYS B 240 -23.70 14.83 -13.77
N LYS B 241 -24.20 15.53 -14.79
CA LYS B 241 -24.34 17.01 -14.74
C LYS B 241 -25.17 17.48 -13.53
N GLU B 242 -26.31 16.84 -13.29
CA GLU B 242 -27.18 17.17 -12.14
C GLU B 242 -26.50 16.90 -10.80
N ILE B 243 -25.82 15.77 -10.71
CA ILE B 243 -25.06 15.43 -9.49
C ILE B 243 -23.93 16.44 -9.28
N TYR B 244 -23.22 16.78 -10.36
CA TYR B 244 -22.12 17.77 -10.29
C TYR B 244 -22.61 19.11 -9.77
N GLU B 245 -23.70 19.59 -10.31
CA GLU B 245 -24.29 20.85 -9.85
C GLU B 245 -24.75 20.82 -8.39
N LEU B 246 -25.29 19.68 -7.95
CA LEU B 246 -25.58 19.50 -6.51
C LEU B 246 -24.31 19.54 -5.65
N ALA B 247 -23.24 18.91 -6.14
CA ALA B 247 -21.89 19.01 -5.53
C ALA B 247 -21.35 20.43 -5.41
N ARG B 248 -21.60 21.27 -6.41
CA ARG B 248 -21.27 22.71 -6.31
C ARG B 248 -22.13 23.43 -5.28
N LYS B 249 -23.42 23.21 -5.38
CA LYS B 249 -24.42 23.93 -4.60
C LYS B 249 -24.22 23.73 -3.10
N TYR B 250 -23.99 22.48 -2.69
CA TYR B 250 -23.67 22.14 -1.28
C TYR B 250 -22.18 21.91 -1.03
N ASP B 251 -21.34 22.25 -2.02
CA ASP B 251 -19.87 22.31 -1.95
C ASP B 251 -19.26 21.05 -1.35
N PHE B 252 -19.39 19.95 -2.06
CA PHE B 252 -18.75 18.72 -1.67
C PHE B 252 -17.93 18.19 -2.83
N LEU B 253 -17.02 17.29 -2.50
CA LEU B 253 -16.22 16.60 -3.49
C LEU B 253 -16.99 15.44 -4.11
N ILE B 254 -16.59 15.06 -5.33
CA ILE B 254 -17.04 13.80 -5.93
C ILE B 254 -15.86 12.86 -6.04
N ILE B 255 -16.00 11.66 -5.46
CA ILE B 255 -14.99 10.63 -5.60
C ILE B 255 -15.53 9.69 -6.66
N GLU B 256 -14.94 9.79 -7.85
CA GLU B 256 -15.38 9.05 -9.02
C GLU B 256 -14.53 7.80 -9.05
N ASP B 257 -15.01 6.72 -8.44
CA ASP B 257 -14.28 5.43 -8.42
C ASP B 257 -14.66 4.69 -9.68
N ASP B 258 -13.77 4.67 -10.68
CA ASP B 258 -14.19 4.27 -12.05
C ASP B 258 -13.40 3.11 -12.68
N PRO B 259 -13.30 1.95 -11.97
CA PRO B 259 -12.48 0.84 -12.45
C PRO B 259 -13.00 0.12 -13.69
N TYR B 260 -14.28 0.30 -14.01
CA TYR B 260 -14.86 -0.27 -15.21
C TYR B 260 -15.04 0.77 -16.33
N TYR B 261 -14.43 1.96 -16.21
CA TYR B 261 -14.45 2.96 -17.29
C TYR B 261 -14.14 2.36 -18.67
N PHE B 262 -13.09 1.55 -18.70
CA PHE B 262 -12.63 0.84 -19.90
C PHE B 262 -13.33 -0.51 -20.17
N LEU B 263 -14.51 -0.73 -19.57
CA LEU B 263 -15.32 -1.91 -19.82
C LEU B 263 -16.80 -1.53 -20.05
N GLN B 264 -17.04 -0.40 -20.73
CA GLN B 264 -18.40 0.03 -21.10
C GLN B 264 -18.80 -0.66 -22.39
N PHE B 265 -19.98 -1.26 -22.42
CA PHE B 265 -20.44 -2.04 -23.60
C PHE B 265 -20.96 -1.16 -24.73
N ASN B 266 -21.53 -0.01 -24.39
CA ASN B 266 -21.78 1.05 -25.39
C ASN B 266 -20.42 1.67 -25.76
N LYS B 267 -20.01 1.53 -27.02
CA LYS B 267 -18.70 2.03 -27.48
C LYS B 267 -18.53 3.56 -27.46
N PHE B 268 -19.64 4.31 -27.41
CA PHE B 268 -19.62 5.72 -26.96
C PHE B 268 -19.59 5.75 -25.42
N ARG B 269 -18.42 6.01 -24.86
CA ARG B 269 -18.24 6.11 -23.41
C ARG B 269 -18.90 7.39 -22.87
N VAL B 270 -19.58 7.25 -21.74
CA VAL B 270 -20.29 8.38 -21.13
C VAL B 270 -19.23 9.38 -20.62
N PRO B 271 -19.42 10.70 -20.84
CA PRO B 271 -18.52 11.66 -20.18
C PRO B 271 -18.41 11.43 -18.64
N THR B 272 -17.22 11.62 -18.10
CA THR B 272 -16.93 11.35 -16.69
C THR B 272 -17.17 12.61 -15.91
N PHE B 273 -17.29 12.46 -14.60
CA PHE B 273 -17.28 13.61 -13.68
C PHE B 273 -16.01 14.44 -13.81
N LEU B 274 -14.86 13.80 -14.03
CA LEU B 274 -13.60 14.54 -14.24
C LEU B 274 -13.71 15.48 -15.45
N SER B 275 -14.33 14.99 -16.52
CA SER B 275 -14.52 15.80 -17.73
C SER B 275 -15.43 17.04 -17.56
N MET B 276 -16.24 17.08 -16.51
CA MET B 276 -17.10 18.23 -16.20
C MET B 276 -16.56 19.08 -15.06
N ASP B 277 -15.37 18.74 -14.55
CA ASP B 277 -14.93 19.27 -13.28
C ASP B 277 -14.36 20.68 -13.37
N VAL B 278 -15.24 21.65 -13.50
CA VAL B 278 -14.87 23.07 -13.65
C VAL B 278 -14.26 23.62 -12.33
N ASP B 279 -14.74 23.14 -11.18
CA ASP B 279 -14.32 23.62 -9.86
C ASP B 279 -13.09 22.95 -9.30
N GLY B 280 -12.68 21.82 -9.84
CA GLY B 280 -11.63 21.01 -9.22
C GLY B 280 -12.13 20.35 -7.94
N ARG B 281 -13.35 19.81 -7.98
CA ARG B 281 -13.95 19.08 -6.86
C ARG B 281 -14.04 17.55 -7.08
N VAL B 282 -13.42 17.03 -8.14
CA VAL B 282 -13.47 15.60 -8.47
C VAL B 282 -12.11 14.96 -8.21
N ILE B 283 -12.11 13.87 -7.43
CA ILE B 283 -10.96 12.94 -7.37
C ILE B 283 -11.42 11.71 -8.11
N ARG B 284 -10.68 11.33 -9.15
CA ARG B 284 -11.01 10.18 -9.98
C ARG B 284 -10.00 9.08 -9.67
N ALA B 285 -10.47 7.84 -9.52
CA ALA B 285 -9.61 6.67 -9.44
C ALA B 285 -9.82 5.84 -10.69
N ASP B 286 -8.74 5.60 -11.45
CA ASP B 286 -8.71 4.64 -12.57
C ASP B 286 -7.93 3.41 -12.16
N SER B 287 -8.29 2.26 -12.73
CA SER B 287 -7.65 0.99 -12.43
C SER B 287 -7.25 0.31 -13.72
N PHE B 288 -6.08 -0.33 -13.67
CA PHE B 288 -5.67 -1.33 -14.67
C PHE B 288 -6.09 -2.75 -14.36
N SER B 289 -6.81 -2.96 -13.25
CA SER B 289 -7.03 -4.32 -12.74
C SER B 289 -7.86 -5.22 -13.64
N ILE B 291 -8.32 -4.62 -17.15
CA ILE B 291 -7.85 -4.53 -18.55
C ILE B 291 -6.40 -4.93 -18.80
N ILE B 292 -5.50 -4.70 -17.84
CA ILE B 292 -4.08 -5.01 -17.99
C ILE B 292 -3.54 -6.02 -16.94
N SER B 293 -3.78 -5.78 -15.66
CA SER B 293 -3.49 -6.77 -14.61
C SER B 293 -3.95 -6.28 -13.27
N SER B 294 -4.65 -7.16 -12.54
CA SER B 294 -5.00 -6.90 -11.14
C SER B 294 -3.84 -7.17 -10.21
N GLY B 295 -3.14 -8.28 -10.45
CA GLY B 295 -2.03 -8.71 -9.63
C GLY B 295 -0.80 -7.83 -9.63
N LEU B 296 -0.60 -7.02 -10.66
CA LEU B 296 0.52 -6.03 -10.66
C LEU B 296 0.36 -4.89 -9.67
N ARG B 297 -0.88 -4.63 -9.22
CA ARG B 297 -1.18 -3.58 -8.25
C ARG B 297 -0.69 -2.22 -8.76
N ILE B 298 -1.27 -1.79 -9.87
CA ILE B 298 -0.96 -0.48 -10.46
C ILE B 298 -2.30 0.14 -10.83
N GLY B 299 -2.65 1.26 -10.21
CA GLY B 299 -3.79 2.12 -10.63
C GLY B 299 -3.34 3.56 -10.63
N PHE B 300 -4.29 4.50 -10.78
CA PHE B 300 -3.96 5.89 -10.58
C PHE B 300 -5.13 6.82 -10.22
N LEU B 301 -4.78 7.87 -9.49
CA LEU B 301 -5.66 8.93 -9.08
C LEU B 301 -5.40 10.10 -9.97
N THR B 302 -6.49 10.78 -10.33
CA THR B 302 -6.43 12.06 -10.96
C THR B 302 -7.30 13.00 -10.13
N GLY B 303 -6.75 14.16 -9.77
CA GLY B 303 -7.50 15.10 -8.96
C GLY B 303 -6.83 16.44 -8.78
N PRO B 304 -7.42 17.32 -7.94
CA PRO B 304 -6.82 18.63 -7.68
C PRO B 304 -5.47 18.49 -6.96
N LYS B 305 -4.46 19.22 -7.45
CA LYS B 305 -3.09 19.14 -6.91
C LYS B 305 -2.98 19.21 -5.39
N PRO B 306 -3.67 20.16 -4.70
CA PRO B 306 -3.56 20.21 -3.23
C PRO B 306 -4.00 18.95 -2.49
N LEU B 307 -4.99 18.24 -3.03
CA LEU B 307 -5.43 16.98 -2.44
C LEU B 307 -4.56 15.80 -2.84
N ILE B 308 -4.13 15.77 -4.10
CA ILE B 308 -3.27 14.69 -4.60
C ILE B 308 -1.91 14.72 -3.89
N GLU B 309 -1.39 15.91 -3.62
CA GLU B 309 -0.16 16.09 -2.82
C GLU B 309 -0.28 15.46 -1.44
N ARG B 310 -1.44 15.61 -0.80
CA ARG B 310 -1.65 15.00 0.55
C ARG B 310 -1.53 13.51 0.47
N VAL B 311 -2.09 12.94 -0.58
CA VAL B 311 -2.09 11.51 -0.81
C VAL B 311 -0.68 11.01 -1.08
N ILE B 312 0.07 11.73 -1.93
CA ILE B 312 1.44 11.40 -2.25
C ILE B 312 2.31 11.33 -1.00
N LEU B 313 2.21 12.34 -0.14
CA LEU B 313 2.94 12.35 1.12
C LEU B 313 2.60 11.15 2.03
N HIS B 314 1.32 10.73 2.08
CA HIS B 314 0.94 9.55 2.87
C HIS B 314 1.54 8.25 2.25
N ILE B 315 1.47 8.14 0.92
CA ILE B 315 2.14 7.05 0.16
C ILE B 315 3.61 6.94 0.45
N GLN B 316 4.27 8.10 0.47
CA GLN B 316 5.68 8.23 0.71
C GLN B 316 6.19 7.60 2.03
N VAL B 317 5.34 7.60 3.06
CA VAL B 317 5.63 6.98 4.36
C VAL B 317 4.95 5.62 4.53
N SER B 318 4.31 5.06 3.50
CA SER B 318 3.67 3.76 3.58
C SER B 318 4.34 2.81 2.59
N THR B 319 3.78 2.66 1.40
CA THR B 319 4.43 1.80 0.39
C THR B 319 5.71 2.38 -0.21
N LEU B 320 5.96 3.67 0.01
CA LEU B 320 7.00 4.50 -0.63
C LEU B 320 6.66 4.81 -2.06
N HIS B 321 6.39 3.76 -2.83
CA HIS B 321 6.05 3.88 -4.22
C HIS B 321 5.44 2.58 -4.73
N PRO B 322 4.80 2.61 -5.92
CA PRO B 322 4.34 1.35 -6.51
C PRO B 322 5.48 0.63 -7.12
N SER B 323 5.36 -0.70 -7.23
CA SER B 323 6.44 -1.53 -7.76
C SER B 323 7.07 -0.89 -9.01
N THR B 324 8.39 -0.66 -8.98
CA THR B 324 9.07 -0.03 -10.10
C THR B 324 9.01 -0.95 -11.32
N PHE B 325 9.28 -2.23 -11.07
CA PHE B 325 9.24 -3.29 -12.09
C PHE B 325 7.89 -3.31 -12.83
N ASN B 326 6.80 -3.29 -12.06
CA ASN B 326 5.48 -3.41 -12.60
C ASN B 326 5.06 -2.18 -13.34
N GLN B 327 5.40 -1.01 -12.81
CA GLN B 327 5.26 0.24 -13.57
C GLN B 327 5.99 0.23 -14.89
N LEU B 328 7.22 -0.27 -14.91
CA LEU B 328 7.98 -0.33 -16.16
C LEU B 328 7.38 -1.32 -17.17
N MET B 329 6.87 -2.46 -16.72
CA MET B 329 6.12 -3.37 -17.61
C MET B 329 4.95 -2.67 -18.33
N ILE B 330 4.15 -1.97 -17.53
CA ILE B 330 2.97 -1.26 -18.05
C ILE B 330 3.44 -0.08 -18.90
N SER B 331 4.32 0.75 -18.36
CA SER B 331 4.79 1.94 -19.09
C SER B 331 5.40 1.59 -20.45
N GLN B 332 6.23 0.53 -20.47
CA GLN B 332 6.82 0.07 -21.72
C GLN B 332 5.76 -0.44 -22.72
N LEU B 333 4.83 -1.27 -22.23
CA LEU B 333 3.67 -1.72 -23.04
C LEU B 333 2.89 -0.56 -23.64
N LEU B 334 2.52 0.39 -22.80
CA LEU B 334 1.75 1.56 -23.23
C LEU B 334 2.50 2.46 -24.21
N HIS B 335 3.81 2.65 -23.99
CA HIS B 335 4.63 3.45 -24.93
C HIS B 335 4.78 2.78 -26.29
N GLU B 336 4.92 1.46 -26.30
CA GLU B 336 5.02 0.68 -27.55
C GLU B 336 3.67 0.57 -28.29
N TRP B 337 2.61 0.33 -27.54
CA TRP B 337 1.23 0.36 -28.09
C TRP B 337 0.80 1.70 -28.68
N GLY B 338 1.18 2.79 -28.01
CA GLY B 338 0.55 4.09 -28.21
C GLY B 338 -0.87 4.09 -27.67
N GLU B 339 -1.51 5.23 -27.77
CA GLU B 339 -2.87 5.40 -27.29
C GLU B 339 -3.83 4.55 -28.14
N GLU B 340 -3.60 4.48 -29.45
CA GLU B 340 -4.43 3.64 -30.32
C GLU B 340 -4.35 2.16 -29.96
N GLY B 341 -3.13 1.66 -29.77
CA GLY B 341 -2.89 0.27 -29.36
C GLY B 341 -3.52 -0.11 -28.02
N PHE B 342 -3.38 0.79 -27.05
CA PHE B 342 -4.06 0.68 -25.77
C PHE B 342 -5.58 0.59 -25.94
N MET B 343 -6.15 1.53 -26.68
CA MET B 343 -7.60 1.55 -26.91
C MET B 343 -8.09 0.36 -27.71
N ALA B 344 -7.29 -0.13 -28.66
CA ALA B 344 -7.59 -1.36 -29.37
C ALA B 344 -7.66 -2.57 -28.44
N HIS B 345 -6.68 -2.66 -27.52
CA HIS B 345 -6.68 -3.70 -26.47
C HIS B 345 -7.97 -3.66 -25.66
N VAL B 346 -8.30 -2.48 -25.16
CA VAL B 346 -9.53 -2.21 -24.43
C VAL B 346 -10.77 -2.66 -25.18
N ASP B 347 -10.83 -2.38 -26.49
N ASP B 347 -10.84 -2.38 -26.49
CA ASP B 347 -11.93 -2.79 -27.36
CA ASP B 347 -11.96 -2.81 -27.34
C ASP B 347 -12.10 -4.31 -27.41
C ASP B 347 -12.11 -4.33 -27.41
N ARG B 348 -10.98 -5.02 -27.52
CA ARG B 348 -10.96 -6.49 -27.52
C ARG B 348 -11.40 -7.07 -26.18
N VAL B 349 -10.99 -6.43 -25.09
CA VAL B 349 -11.46 -6.80 -23.74
C VAL B 349 -12.98 -6.57 -23.61
N ILE B 350 -13.46 -5.40 -24.06
CA ILE B 350 -14.91 -5.12 -24.06
C ILE B 350 -15.68 -6.16 -24.88
N ASP B 351 -15.18 -6.46 -26.09
CA ASP B 351 -15.82 -7.46 -26.94
C ASP B 351 -15.99 -8.81 -26.24
N PHE B 352 -14.93 -9.28 -25.57
CA PHE B 352 -15.02 -10.52 -24.78
C PHE B 352 -16.09 -10.44 -23.69
N TYR B 353 -15.99 -9.42 -22.82
CA TYR B 353 -16.98 -9.24 -21.75
C TYR B 353 -18.42 -9.03 -22.25
N SER B 354 -18.58 -8.41 -23.42
CA SER B 354 -19.91 -8.19 -24.04
C SER B 354 -20.52 -9.50 -24.52
N ASN B 355 -19.71 -10.37 -25.12
CA ASN B 355 -20.16 -11.73 -25.47
C ASN B 355 -20.52 -12.58 -24.25
N GLN B 356 -19.71 -12.48 -23.20
CA GLN B 356 -20.04 -13.08 -21.90
C GLN B 356 -21.37 -12.55 -21.30
N LYS B 357 -21.59 -11.24 -21.39
CA LYS B 357 -22.84 -10.60 -20.99
C LYS B 357 -24.01 -11.10 -21.82
N ASP B 358 -23.82 -11.20 -23.13
CA ASP B 358 -24.85 -11.77 -24.01
C ASP B 358 -25.24 -13.17 -23.54
N ALA B 359 -24.23 -14.00 -23.22
CA ALA B 359 -24.46 -15.37 -22.78
C ALA B 359 -25.18 -15.45 -21.46
N ILE B 360 -24.76 -14.66 -20.46
CA ILE B 360 -25.42 -14.70 -19.14
C ILE B 360 -26.87 -14.15 -19.18
N LEU B 361 -27.12 -13.15 -20.02
CA LEU B 361 -28.49 -12.63 -20.22
C LEU B 361 -29.41 -13.65 -20.92
N ALA B 362 -28.86 -14.43 -21.85
CA ALA B 362 -29.59 -15.55 -22.50
C ALA B 362 -29.94 -16.70 -21.54
N ALA B 363 -29.04 -17.01 -20.60
CA ALA B 363 -29.33 -17.98 -19.53
C ALA B 363 -30.41 -17.45 -18.57
N ALA B 364 -30.31 -16.16 -18.22
CA ALA B 364 -31.32 -15.46 -17.40
C ALA B 364 -32.71 -15.48 -18.05
N ASP B 365 -32.76 -15.08 -19.32
CA ASP B 365 -33.96 -15.16 -20.15
C ASP B 365 -34.54 -16.57 -20.15
N LYS B 366 -33.69 -17.56 -20.41
CA LYS B 366 -34.09 -18.98 -20.45
C LYS B 366 -34.71 -19.48 -19.12
N TRP B 367 -33.96 -19.37 -18.02
CA TRP B 367 -34.35 -20.03 -16.75
C TRP B 367 -35.09 -19.15 -15.75
N LEU B 368 -34.74 -17.86 -15.70
CA LEU B 368 -35.19 -16.96 -14.63
C LEU B 368 -36.40 -16.06 -14.97
N THR B 369 -36.88 -16.08 -16.22
CA THR B 369 -38.06 -15.27 -16.61
C THR B 369 -39.26 -15.79 -15.83
N GLY B 370 -39.91 -14.87 -15.08
CA GLY B 370 -40.97 -15.20 -14.11
C GLY B 370 -40.54 -15.33 -12.65
N LEU B 371 -39.26 -15.68 -12.41
CA LEU B 371 -38.71 -16.00 -11.08
C LEU B 371 -37.76 -14.95 -10.49
N ALA B 372 -37.39 -13.94 -11.29
CA ALA B 372 -36.39 -12.95 -10.92
C ALA B 372 -36.38 -11.73 -11.86
N GLU B 373 -35.87 -10.63 -11.35
CA GLU B 373 -35.70 -9.37 -12.10
C GLU B 373 -34.21 -9.01 -12.22
N TRP B 374 -33.85 -8.41 -13.35
CA TRP B 374 -32.52 -7.86 -13.59
C TRP B 374 -32.58 -6.80 -14.68
N HIS B 375 -31.55 -5.96 -14.73
CA HIS B 375 -31.34 -5.02 -15.84
C HIS B 375 -30.13 -5.52 -16.65
N VAL B 376 -30.05 -5.10 -17.91
CA VAL B 376 -28.88 -5.40 -18.76
C VAL B 376 -27.69 -4.58 -18.18
N PRO B 377 -26.56 -5.24 -17.81
CA PRO B 377 -25.37 -4.50 -17.36
C PRO B 377 -24.86 -3.54 -18.44
N ALA B 378 -24.67 -2.29 -18.07
CA ALA B 378 -24.14 -1.27 -18.99
C ALA B 378 -22.60 -1.35 -19.08
N ALA B 379 -21.96 -1.80 -18.02
CA ALA B 379 -20.52 -2.05 -18.02
C ALA B 379 -20.16 -3.12 -17.02
N GLY B 380 -18.91 -3.57 -17.14
CA GLY B 380 -18.24 -4.38 -16.14
C GLY B 380 -18.47 -5.87 -16.32
N MET B 381 -18.65 -6.58 -15.21
CA MET B 381 -18.68 -8.05 -15.26
C MET B 381 -19.74 -8.75 -14.37
N PHE B 382 -20.73 -8.02 -13.86
CA PHE B 382 -21.69 -8.55 -12.92
C PHE B 382 -23.11 -8.39 -13.42
N LEU B 383 -23.89 -9.45 -13.24
CA LEU B 383 -25.31 -9.43 -13.41
C LEU B 383 -25.90 -9.49 -11.99
N TRP B 384 -26.76 -8.51 -11.69
CA TRP B 384 -27.40 -8.37 -10.39
C TRP B 384 -28.85 -8.86 -10.51
N ILE B 385 -29.14 -9.97 -9.83
CA ILE B 385 -30.41 -10.70 -9.95
C ILE B 385 -31.22 -10.52 -8.65
N LYS B 386 -32.40 -9.92 -8.77
CA LYS B 386 -33.38 -9.87 -7.67
C LYS B 386 -34.28 -11.10 -7.77
N VAL B 387 -34.26 -11.93 -6.73
CA VAL B 387 -35.17 -13.10 -6.64
C VAL B 387 -36.56 -12.60 -6.17
N LYS B 388 -37.60 -12.81 -7.00
CA LYS B 388 -38.98 -12.48 -6.62
C LYS B 388 -39.46 -13.38 -5.48
N GLY B 389 -40.27 -12.82 -4.58
CA GLY B 389 -40.95 -13.57 -3.52
C GLY B 389 -40.16 -14.29 -2.44
N ILE B 390 -38.90 -13.90 -2.24
CA ILE B 390 -38.02 -14.43 -1.18
C ILE B 390 -37.30 -13.21 -0.57
N ASN B 391 -37.34 -13.09 0.76
CA ASN B 391 -36.81 -11.90 1.48
C ASN B 391 -35.31 -11.89 1.57
N ASP B 392 -34.71 -13.05 1.86
CA ASP B 392 -33.25 -13.26 1.91
C ASP B 392 -32.84 -14.53 1.15
N VAL B 393 -31.72 -14.44 0.44
CA VAL B 393 -31.18 -15.51 -0.41
C VAL B 393 -29.94 -16.21 0.15
N LYS B 394 -29.48 -15.86 1.35
CA LYS B 394 -28.19 -16.35 1.89
C LYS B 394 -28.23 -17.86 2.20
N GLU B 395 -29.30 -18.30 2.87
CA GLU B 395 -29.58 -19.75 3.06
C GLU B 395 -29.72 -20.50 1.73
N LEU B 396 -30.44 -19.89 0.78
CA LEU B 396 -30.66 -20.42 -0.59
C LEU B 396 -29.34 -20.75 -1.32
N ILE B 397 -28.32 -19.89 -1.16
CA ILE B 397 -26.97 -20.16 -1.67
C ILE B 397 -26.14 -21.04 -0.74
N GLU B 398 -25.95 -20.56 0.49
CA GLU B 398 -24.94 -21.12 1.40
C GLU B 398 -25.27 -22.50 2.01
N GLU B 399 -26.50 -23.00 1.80
CA GLU B 399 -26.84 -24.42 1.98
C GLU B 399 -27.28 -25.09 0.66
N LYS B 400 -28.37 -24.59 0.07
CA LYS B 400 -29.08 -25.33 -0.98
C LYS B 400 -28.36 -25.31 -2.33
N ALA B 401 -27.91 -24.13 -2.76
CA ALA B 401 -27.17 -24.00 -4.04
C ALA B 401 -25.79 -24.66 -4.02
N VAL B 402 -25.03 -24.45 -2.94
CA VAL B 402 -23.69 -25.07 -2.78
C VAL B 402 -23.78 -26.59 -2.94
N LYS B 403 -24.66 -27.23 -2.15
CA LYS B 403 -24.91 -28.69 -2.21
C LYS B 403 -25.26 -29.23 -3.62
N MET B 404 -25.87 -28.39 -4.46
CA MET B 404 -26.09 -28.66 -5.91
C MET B 404 -24.93 -28.27 -6.87
N GLY B 405 -23.72 -28.01 -6.35
CA GLY B 405 -22.54 -27.63 -7.16
C GLY B 405 -22.62 -26.29 -7.86
N VAL B 406 -23.31 -25.31 -7.27
CA VAL B 406 -23.52 -23.96 -7.86
C VAL B 406 -23.31 -22.92 -6.75
N LEU B 407 -22.53 -21.88 -7.04
CA LEU B 407 -22.32 -20.79 -6.10
C LEU B 407 -22.53 -19.49 -6.85
N MET B 408 -23.33 -18.60 -6.26
CA MET B 408 -23.41 -17.19 -6.61
C MET B 408 -23.29 -16.41 -5.31
N LEU B 409 -23.19 -15.09 -5.36
CA LEU B 409 -22.84 -14.30 -4.17
C LEU B 409 -24.08 -13.63 -3.58
N PRO B 410 -24.42 -13.91 -2.29
CA PRO B 410 -25.54 -13.17 -1.68
C PRO B 410 -25.28 -11.66 -1.59
N GLY B 411 -26.34 -10.89 -1.69
CA GLY B 411 -26.24 -9.44 -1.79
C GLY B 411 -25.92 -8.66 -0.53
N ASN B 412 -25.89 -9.34 0.62
CA ASN B 412 -25.87 -8.69 1.94
C ASN B 412 -24.58 -7.88 2.16
N ALA B 413 -23.46 -8.39 1.64
CA ALA B 413 -22.13 -7.74 1.72
C ALA B 413 -22.03 -6.33 1.13
N PHE B 414 -22.96 -5.96 0.24
CA PHE B 414 -22.93 -4.67 -0.44
C PHE B 414 -23.72 -3.57 0.23
N TYR B 415 -24.14 -3.77 1.48
CA TYR B 415 -24.81 -2.75 2.25
C TYR B 415 -24.09 -2.54 3.57
N VAL B 416 -24.28 -1.34 4.13
CA VAL B 416 -23.65 -0.93 5.40
C VAL B 416 -24.07 -1.88 6.50
N ASP B 417 -25.37 -2.16 6.55
CA ASP B 417 -25.93 -3.21 7.39
C ASP B 417 -25.99 -4.54 6.61
N SER B 418 -24.93 -5.34 6.79
CA SER B 418 -24.84 -6.69 6.19
C SER B 418 -25.76 -7.75 6.81
N SER B 419 -26.34 -7.49 7.98
CA SER B 419 -27.29 -8.41 8.60
C SER B 419 -28.72 -8.25 8.06
N ALA B 420 -29.01 -7.16 7.34
CA ALA B 420 -30.36 -6.96 6.78
C ALA B 420 -30.62 -7.97 5.65
N PRO B 421 -31.90 -8.42 5.48
CA PRO B 421 -32.18 -9.39 4.42
C PRO B 421 -31.97 -8.79 3.03
N SER B 422 -31.34 -9.56 2.15
CA SER B 422 -31.21 -9.21 0.74
C SER B 422 -31.87 -10.23 -0.19
N PRO B 423 -32.79 -9.79 -1.09
CA PRO B 423 -33.29 -10.69 -2.13
C PRO B 423 -32.35 -10.82 -3.38
N TYR B 424 -31.15 -10.22 -3.35
CA TYR B 424 -30.32 -10.08 -4.53
C TYR B 424 -29.13 -11.04 -4.59
N LEU B 425 -28.73 -11.38 -5.81
CA LEU B 425 -27.55 -12.19 -6.09
C LEU B 425 -26.67 -11.51 -7.13
N ARG B 426 -25.35 -11.49 -6.88
CA ARG B 426 -24.34 -11.04 -7.85
C ARG B 426 -23.80 -12.28 -8.59
N ALA B 427 -24.02 -12.31 -9.89
CA ALA B 427 -23.55 -13.39 -10.75
C ALA B 427 -22.52 -12.78 -11.67
N SER B 428 -21.30 -13.31 -11.59
CA SER B 428 -20.20 -12.88 -12.45
C SER B 428 -20.24 -13.62 -13.78
N PHE B 429 -20.12 -12.85 -14.87
CA PHE B 429 -19.91 -13.37 -16.22
C PHE B 429 -18.46 -13.21 -16.72
N SER B 430 -17.48 -13.08 -15.83
CA SER B 430 -16.09 -12.91 -16.26
C SER B 430 -15.47 -14.15 -16.92
N SER B 431 -15.89 -15.34 -16.50
CA SER B 431 -15.19 -16.60 -16.82
C SER B 431 -16.02 -17.76 -17.33
N ALA B 432 -17.20 -17.99 -16.76
CA ALA B 432 -17.95 -19.23 -17.01
C ALA B 432 -18.36 -19.39 -18.48
N SER B 433 -18.36 -20.63 -18.96
CA SER B 433 -18.80 -20.95 -20.33
C SER B 433 -20.32 -20.77 -20.42
N PRO B 434 -20.87 -20.71 -21.65
CA PRO B 434 -22.32 -20.78 -21.85
C PRO B 434 -22.97 -22.04 -21.23
N GLU B 435 -22.28 -23.18 -21.34
CA GLU B 435 -22.73 -24.44 -20.74
C GLU B 435 -22.81 -24.32 -19.22
N GLN B 436 -21.77 -23.76 -18.60
CA GLN B 436 -21.78 -23.52 -17.14
C GLN B 436 -22.86 -22.56 -16.65
N MET B 437 -23.11 -21.48 -17.41
CA MET B 437 -24.21 -20.55 -17.12
C MET B 437 -25.59 -21.19 -17.28
N ASP B 438 -25.74 -22.13 -18.21
CA ASP B 438 -26.98 -22.92 -18.38
C ASP B 438 -27.30 -23.71 -17.09
N VAL B 439 -26.30 -24.42 -16.57
CA VAL B 439 -26.42 -25.28 -15.38
C VAL B 439 -26.71 -24.45 -14.13
N ALA B 440 -25.86 -23.47 -13.86
CA ALA B 440 -25.99 -22.59 -12.68
C ALA B 440 -27.38 -21.99 -12.56
N PHE B 441 -27.91 -21.50 -13.69
CA PHE B 441 -29.23 -20.83 -13.75
C PHE B 441 -30.42 -21.80 -13.79
N GLN B 442 -30.24 -22.96 -14.44
CA GLN B 442 -31.16 -24.10 -14.31
C GLN B 442 -31.32 -24.51 -12.84
N VAL B 443 -30.18 -24.60 -12.13
CA VAL B 443 -30.16 -24.95 -10.69
C VAL B 443 -30.75 -23.82 -9.82
N LEU B 444 -30.44 -22.57 -10.11
CA LEU B 444 -31.03 -21.44 -9.36
C LEU B 444 -32.57 -21.38 -9.52
N ALA B 445 -33.05 -21.60 -10.75
CA ALA B 445 -34.47 -21.57 -11.08
C ALA B 445 -35.27 -22.59 -10.26
N GLN B 446 -34.76 -23.83 -10.25
CA GLN B 446 -35.23 -24.93 -9.39
C GLN B 446 -35.42 -24.52 -7.94
N LEU B 447 -34.38 -23.94 -7.36
CA LEU B 447 -34.37 -23.59 -5.93
C LEU B 447 -35.30 -22.43 -5.60
N ILE B 448 -35.38 -21.45 -6.51
CA ILE B 448 -36.38 -20.37 -6.43
C ILE B 448 -37.82 -20.94 -6.47
N LYS B 449 -38.10 -21.90 -7.36
CA LYS B 449 -39.43 -22.56 -7.45
C LYS B 449 -39.80 -23.27 -6.14
N GLU B 450 -38.90 -24.15 -5.67
CA GLU B 450 -39.09 -24.90 -4.43
C GLU B 450 -38.83 -24.14 -3.11
N SER B 451 -38.46 -22.86 -3.18
CA SER B 451 -38.44 -21.98 -1.99
C SER B 451 -39.63 -21.03 -1.89
N LEU B 452 -40.39 -20.84 -2.98
CA LEU B 452 -41.66 -20.07 -2.93
C LEU B 452 -42.78 -20.91 -2.31
#